data_7CYM
#
_entry.id   7CYM
#
_cell.length_a   80.360
_cell.length_b   70.840
_cell.length_c   134.219
_cell.angle_alpha   90.000
_cell.angle_beta   98.690
_cell.angle_gamma   90.000
#
_symmetry.space_group_name_H-M   'P 1 21 1'
#
loop_
_entity.id
_entity.type
_entity.pdbx_description
1 polymer Cadherin-17
2 branched alpha-D-mannopyranose-(1-6)-beta-D-mannopyranose-(1-4)-2-acetamido-2-deoxy-beta-D-glucopyranose-(1-4)-2-acetamido-2-deoxy-beta-D-glucopyranose
3 branched 2-acetamido-2-deoxy-beta-D-glucopyranose-(1-4)-2-acetamido-2-deoxy-beta-D-glucopyranose
4 non-polymer 2-acetamido-2-deoxy-beta-D-glucopyranose
5 non-polymer 'CALCIUM ION'
6 water water
#
_entity_poly.entity_id   1
_entity_poly.type   'polypeptide(L)'
_entity_poly.pdbx_seq_one_letter_code
;QEGKFSGPLKPMTFSIYEGQEPSQIIFQFKANPPAVTFELTGETDNIFVIEREGLLYYNRALDRETRSTHNLQVAALDAN
GIIVEGPVPITIKVKDINDNRPTFLQSKYEGSVRQNSRPGKPFLYVNATDLDDPATPNGQLYYQIVIQLPMINNVMYFQI
NNKTGAISLTREGSQELNPAKNPSYNLVISVKDMGGQSENSFSDTTSVDIIVTENIWKAPKPVEMVENSTDPHPIKITQV
RWNDPGAQYSLVDKEKLPRFPFSIDQEGDIYVTQPLDREEKDAYVFYAVAKDEYGKPLSYPLEIHVKVKDINDNPPTCPS
PVTVFEVQENERLGNSIGTLTAHDRDEENTANSFLNYRIVEQTPKLPMDGLFLIQTYAGMLQLAKQSLKKQDTPQYNLTI
EVSDKDFKTLCFVQINVIDEQKLISEEDLNSAVDHHHHHH
;
_entity_poly.pdbx_strand_id   A,B
#
# COMPACT_ATOMS: atom_id res chain seq x y z
N LYS A 4 0.20 62.87 53.27
CA LYS A 4 0.68 61.91 52.21
C LYS A 4 1.17 60.57 52.81
N PHE A 5 1.89 60.62 53.97
CA PHE A 5 2.37 59.40 54.73
C PHE A 5 2.12 59.60 56.22
N SER A 6 1.23 60.57 56.47
CA SER A 6 0.85 61.06 57.74
C SER A 6 -0.60 61.57 57.62
N GLY A 7 -1.41 61.45 58.68
CA GLY A 7 -2.71 62.08 58.65
C GLY A 7 -3.64 61.63 59.77
N PRO A 8 -4.88 62.18 59.80
CA PRO A 8 -5.81 61.89 60.89
C PRO A 8 -6.16 60.39 60.91
N LEU A 9 -6.63 59.95 62.08
CA LEU A 9 -7.32 58.68 62.24
C LEU A 9 -8.63 58.75 61.44
N LYS A 10 -8.71 58.04 60.30
CA LYS A 10 -9.95 57.81 59.53
C LYS A 10 -9.89 56.41 58.94
N PRO A 11 -11.01 55.77 58.54
CA PRO A 11 -10.94 54.48 57.85
C PRO A 11 -9.91 54.52 56.69
N MET A 12 -9.04 53.50 56.57
CA MET A 12 -8.02 53.48 55.52
C MET A 12 -7.73 52.04 55.09
N THR A 13 -7.16 51.92 53.88
CA THR A 13 -6.74 50.66 53.36
C THR A 13 -5.35 50.81 52.72
N PHE A 14 -4.43 49.94 53.13
CA PHE A 14 -3.12 49.86 52.54
C PHE A 14 -2.95 48.49 51.91
N SER A 15 -2.20 48.46 50.80
CA SER A 15 -1.92 47.28 50.01
C SER A 15 -0.41 47.00 50.06
N ILE A 16 -0.02 45.81 50.51
CA ILE A 16 1.40 45.51 50.73
C ILE A 16 1.72 44.14 50.11
N TYR A 17 2.84 44.07 49.41
CA TYR A 17 3.30 42.83 48.88
C TYR A 17 3.70 41.95 50.05
N GLU A 18 3.27 40.69 50.03
CA GLU A 18 3.80 39.69 50.93
C GLU A 18 5.28 39.45 50.57
N GLY A 19 5.94 38.70 51.47
CA GLY A 19 7.33 38.23 51.38
C GLY A 19 8.35 39.34 51.11
N GLN A 20 8.12 40.56 51.61
CA GLN A 20 9.16 41.64 51.55
C GLN A 20 9.92 41.67 52.89
N GLU A 21 11.09 42.32 52.92
CA GLU A 21 11.98 42.35 54.13
C GLU A 21 11.21 42.97 55.27
N PRO A 22 11.05 42.24 56.40
CA PRO A 22 10.26 42.70 57.56
C PRO A 22 10.32 44.18 58.02
N SER A 23 11.22 44.98 57.43
CA SER A 23 11.10 46.42 57.57
C SER A 23 9.91 46.93 56.73
N GLN A 24 9.18 47.83 57.37
CA GLN A 24 8.95 49.15 56.79
C GLN A 24 7.69 49.75 57.40
N ILE A 25 7.68 51.08 57.42
CA ILE A 25 6.62 51.84 57.97
C ILE A 25 5.43 51.69 57.00
N ILE A 26 4.21 51.75 57.55
CA ILE A 26 2.99 51.77 56.82
C ILE A 26 2.47 53.20 56.85
N PHE A 27 2.35 53.81 58.04
CA PHE A 27 1.72 55.14 58.13
C PHE A 27 1.89 55.74 59.53
N GLN A 28 2.00 57.07 59.57
CA GLN A 28 2.03 57.86 60.80
C GLN A 28 0.65 58.50 61.05
N PHE A 29 -0.02 58.04 62.11
CA PHE A 29 -1.27 58.65 62.55
C PHE A 29 -0.99 59.82 63.51
N LYS A 30 -1.80 60.86 63.37
CA LYS A 30 -1.65 62.12 64.02
C LYS A 30 -2.76 62.27 65.07
N ALA A 31 -2.35 62.82 66.21
CA ALA A 31 -3.17 63.03 67.39
C ALA A 31 -3.90 64.38 67.31
N ASN A 32 -4.56 64.69 68.43
CA ASN A 32 -4.90 66.00 68.92
C ASN A 32 -5.32 65.82 70.37
N PRO A 33 -4.89 66.71 71.30
CA PRO A 33 -5.40 66.71 72.68
C PRO A 33 -6.94 66.61 72.65
N PRO A 34 -7.53 65.82 73.58
CA PRO A 34 -6.92 65.19 74.74
C PRO A 34 -6.10 63.89 74.58
N ALA A 35 -5.87 63.42 73.33
CA ALA A 35 -5.24 62.14 72.96
C ALA A 35 -3.71 62.24 72.93
N VAL A 36 -3.06 61.20 73.45
CA VAL A 36 -1.61 61.17 73.60
C VAL A 36 -1.02 59.84 73.11
N THR A 37 -1.67 58.68 73.32
CA THR A 37 -1.10 57.41 72.82
C THR A 37 -2.10 56.68 71.90
N PHE A 38 -1.61 55.65 71.18
CA PHE A 38 -2.39 54.85 70.21
C PHE A 38 -2.23 53.34 70.43
N GLU A 39 -3.33 52.65 70.13
CA GLU A 39 -3.57 51.25 70.44
C GLU A 39 -4.04 50.55 69.13
N LEU A 40 -3.40 49.42 68.81
CA LEU A 40 -3.66 48.66 67.59
C LEU A 40 -4.29 47.34 68.01
N THR A 41 -5.48 47.03 67.48
CA THR A 41 -6.18 45.78 67.79
C THR A 41 -6.63 45.11 66.50
N GLY A 42 -7.24 43.92 66.64
CA GLY A 42 -7.71 43.15 65.50
C GLY A 42 -6.69 42.12 65.10
N GLU A 43 -6.67 41.79 63.81
CA GLU A 43 -5.88 40.70 63.27
C GLU A 43 -4.42 41.17 63.11
N THR A 44 -3.76 41.47 64.22
CA THR A 44 -2.38 41.93 64.17
C THR A 44 -1.45 40.73 63.87
N ASP A 45 -1.87 39.53 64.30
CA ASP A 45 -1.14 38.29 64.07
C ASP A 45 0.35 38.46 64.40
N ASN A 46 0.63 39.18 65.49
CA ASN A 46 2.00 39.50 65.96
C ASN A 46 2.91 39.87 64.77
N ILE A 47 2.35 40.63 63.82
CA ILE A 47 3.04 41.14 62.63
C ILE A 47 2.99 42.67 62.65
N PHE A 48 1.77 43.21 62.79
CA PHE A 48 1.52 44.66 62.76
C PHE A 48 1.63 45.23 64.18
N VAL A 49 2.18 46.43 64.29
CA VAL A 49 2.47 47.05 65.55
C VAL A 49 2.18 48.53 65.44
N ILE A 50 1.68 49.17 66.51
CA ILE A 50 1.67 50.63 66.50
C ILE A 50 2.53 51.14 67.67
N GLU A 51 3.37 52.11 67.35
CA GLU A 51 4.13 52.80 68.35
C GLU A 51 3.18 53.68 69.15
N ARG A 52 3.65 53.97 70.35
CA ARG A 52 2.94 54.70 71.35
C ARG A 52 2.41 55.97 70.67
N GLU A 53 3.23 56.59 69.79
CA GLU A 53 2.86 57.91 69.20
C GLU A 53 2.63 57.84 67.68
N GLY A 54 2.03 56.74 67.22
CA GLY A 54 1.14 56.78 66.03
C GLY A 54 1.67 56.08 64.78
N LEU A 55 2.80 55.37 64.92
CA LEU A 55 3.55 54.91 63.81
C LEU A 55 3.25 53.43 63.63
N LEU A 56 2.52 53.12 62.55
CA LEU A 56 2.04 51.81 62.29
C LEU A 56 3.02 51.14 61.34
N TYR A 57 3.40 49.90 61.62
CA TYR A 57 4.36 49.24 60.81
C TYR A 57 4.24 47.73 61.05
N TYR A 58 4.97 46.96 60.25
CA TYR A 58 5.00 45.51 60.38
C TYR A 58 6.48 45.09 60.52
N ASN A 59 6.64 43.97 61.25
CA ASN A 59 7.91 43.53 61.78
C ASN A 59 8.21 42.10 61.29
N ARG A 60 7.34 41.51 60.45
CA ARG A 60 7.53 40.17 59.90
C ARG A 60 7.07 40.20 58.43
N ALA A 61 7.52 39.25 57.60
CA ALA A 61 6.98 39.18 56.24
C ALA A 61 5.49 38.84 56.33
N LEU A 62 4.69 39.44 55.44
CA LEU A 62 3.27 39.12 55.38
C LEU A 62 3.17 37.84 54.58
N ASP A 63 2.01 37.18 54.61
CA ASP A 63 1.81 36.02 53.77
C ASP A 63 0.36 35.89 53.31
N ARG A 64 0.10 36.23 52.03
CA ARG A 64 -1.27 36.15 51.44
C ARG A 64 -1.92 34.78 51.68
N GLU A 65 -1.07 33.73 51.73
CA GLU A 65 -1.55 32.36 51.78
C GLU A 65 -2.02 32.02 53.21
N THR A 66 -1.33 32.53 54.24
CA THR A 66 -1.78 32.43 55.66
C THR A 66 -3.00 33.30 55.91
N ARG A 67 -3.04 34.51 55.30
CA ARG A 67 -4.14 35.51 55.48
C ARG A 67 -4.10 36.61 54.41
N SER A 68 -5.24 36.89 53.76
CA SER A 68 -5.23 37.73 52.51
C SER A 68 -5.44 39.20 52.86
N THR A 69 -6.42 39.41 53.74
CA THR A 69 -6.67 40.71 54.31
C THR A 69 -6.50 40.62 55.83
N HIS A 70 -5.79 41.62 56.37
CA HIS A 70 -5.72 41.90 57.80
C HIS A 70 -6.71 43.00 58.14
N ASN A 71 -7.59 42.72 59.10
CA ASN A 71 -8.57 43.67 59.63
C ASN A 71 -8.11 44.20 60.98
N LEU A 72 -7.48 45.37 60.95
CA LEU A 72 -6.91 46.05 62.12
C LEU A 72 -7.81 47.21 62.56
N GLN A 73 -7.69 47.61 63.83
CA GLN A 73 -8.29 48.84 64.34
C GLN A 73 -7.23 49.66 65.11
N VAL A 74 -7.28 50.97 64.89
CA VAL A 74 -6.47 51.94 65.57
C VAL A 74 -7.41 52.82 66.38
N ALA A 75 -7.09 52.94 67.68
CA ALA A 75 -7.76 53.85 68.62
C ALA A 75 -6.73 54.87 69.13
N ALA A 76 -7.19 56.10 69.40
CA ALA A 76 -6.44 57.10 70.19
C ALA A 76 -6.92 57.04 71.64
N LEU A 77 -5.97 57.07 72.58
CA LEU A 77 -6.23 57.16 74.03
C LEU A 77 -5.92 58.59 74.49
N ASP A 78 -6.61 59.04 75.55
CA ASP A 78 -6.28 60.26 76.33
C ASP A 78 -5.13 59.90 77.31
N ALA A 79 -4.67 60.92 78.05
CA ALA A 79 -3.48 60.76 78.91
C ALA A 79 -3.80 59.75 80.03
N ASN A 80 -5.11 59.57 80.31
CA ASN A 80 -5.63 58.73 81.41
C ASN A 80 -5.70 57.26 80.95
N GLY A 81 -5.88 57.05 79.64
CA GLY A 81 -5.91 55.70 79.03
C GLY A 81 -7.31 55.26 78.62
N ILE A 82 -8.17 56.22 78.24
CA ILE A 82 -9.55 55.98 77.80
C ILE A 82 -9.63 56.31 76.31
N ILE A 83 -10.47 55.59 75.56
CA ILE A 83 -10.59 55.79 74.10
C ILE A 83 -11.34 57.10 73.84
N VAL A 84 -10.76 57.97 72.99
CA VAL A 84 -11.28 59.35 72.72
C VAL A 84 -11.56 59.54 71.23
N GLU A 85 -10.81 58.83 70.37
CA GLU A 85 -11.14 58.64 68.96
C GLU A 85 -11.13 57.14 68.67
N GLY A 86 -11.97 56.74 67.71
CA GLY A 86 -11.99 55.39 67.19
C GLY A 86 -12.56 54.38 68.20
N PRO A 87 -12.24 53.08 68.04
CA PRO A 87 -11.34 52.57 67.02
C PRO A 87 -11.90 52.85 65.61
N VAL A 88 -11.03 53.09 64.62
CA VAL A 88 -11.47 53.00 63.24
C VAL A 88 -10.79 51.81 62.58
N PRO A 89 -11.46 51.15 61.63
CA PRO A 89 -10.86 50.07 60.84
C PRO A 89 -9.76 50.51 59.84
N ILE A 90 -8.59 49.89 60.02
CA ILE A 90 -7.48 49.94 59.07
C ILE A 90 -7.40 48.57 58.39
N THR A 91 -7.42 48.55 57.06
CA THR A 91 -7.49 47.31 56.29
C THR A 91 -6.17 47.08 55.53
N ILE A 92 -5.52 45.95 55.77
CA ILE A 92 -4.32 45.64 55.03
C ILE A 92 -4.62 44.58 53.99
N LYS A 93 -4.52 44.95 52.71
CA LYS A 93 -4.65 44.04 51.58
C LYS A 93 -3.27 43.52 51.23
N VAL A 94 -3.11 42.20 51.33
CA VAL A 94 -1.84 41.58 51.11
C VAL A 94 -1.76 41.22 49.62
N LYS A 95 -1.04 42.04 48.87
CA LYS A 95 -0.83 41.79 47.44
C LYS A 95 0.07 40.58 47.28
N ASP A 96 -0.28 39.71 46.32
CA ASP A 96 0.30 38.40 46.08
C ASP A 96 1.60 38.46 45.25
N ILE A 97 2.51 37.54 45.59
CA ILE A 97 3.67 37.20 44.79
C ILE A 97 3.68 35.69 44.62
N ASN A 98 4.47 35.24 43.62
CA ASN A 98 4.52 33.84 43.15
C ASN A 98 5.62 33.12 43.93
N ASP A 99 5.18 32.71 45.16
CA ASP A 99 6.03 32.07 46.15
C ASP A 99 5.62 30.61 46.33
N ASN A 100 4.56 30.16 45.64
CA ASN A 100 4.16 28.72 45.68
C ASN A 100 4.19 28.05 44.31
N ARG A 101 4.83 26.87 44.30
CA ARG A 101 4.82 25.93 43.15
C ARG A 101 3.44 25.30 42.99
N PRO A 102 2.97 25.06 41.74
CA PRO A 102 1.76 24.27 41.48
C PRO A 102 2.03 22.82 41.86
N THR A 103 0.98 22.11 42.27
CA THR A 103 1.10 20.71 42.69
C THR A 103 -0.02 19.90 42.04
N PHE A 104 0.33 18.80 41.39
CA PHE A 104 -0.68 17.90 40.79
C PHE A 104 -1.33 17.12 41.94
N LEU A 105 -2.65 16.93 41.85
CA LEU A 105 -3.42 16.29 42.94
C LEU A 105 -3.06 14.81 43.13
N GLN A 106 -2.43 14.22 42.11
CA GLN A 106 -1.89 12.85 42.15
C GLN A 106 -0.54 12.87 41.42
N SER A 107 0.39 12.02 41.86
CA SER A 107 1.71 11.88 41.22
C SER A 107 1.65 10.88 40.06
N LYS A 108 0.61 10.04 40.04
CA LYS A 108 0.42 8.95 39.10
C LYS A 108 -1.04 8.95 38.63
N TYR A 109 -1.27 8.93 37.33
CA TYR A 109 -2.62 8.84 36.76
C TYR A 109 -2.72 7.60 35.83
N GLU A 110 -3.96 7.10 35.70
CA GLU A 110 -4.40 6.02 34.83
C GLU A 110 -5.65 6.44 34.06
N GLY A 111 -5.64 6.29 32.75
CA GLY A 111 -6.89 6.35 31.99
C GLY A 111 -6.90 5.31 30.91
N SER A 112 -8.06 5.16 30.26
CA SER A 112 -8.17 4.32 29.10
C SER A 112 -9.10 4.97 28.05
N VAL A 113 -8.86 4.63 26.78
CA VAL A 113 -9.56 5.22 25.65
C VAL A 113 -9.75 4.15 24.57
N ARG A 114 -10.95 4.13 23.98
CA ARG A 114 -11.28 3.18 22.92
C ARG A 114 -10.57 3.58 21.64
N GLN A 115 -10.00 2.58 20.93
CA GLN A 115 -9.35 2.82 19.68
C GLN A 115 -10.40 3.41 18.71
N ASN A 116 -9.92 4.30 17.83
CA ASN A 116 -10.78 5.02 16.88
C ASN A 116 -11.91 5.77 17.61
N SER A 117 -11.65 6.38 18.76
CA SER A 117 -12.70 7.23 19.32
C SER A 117 -12.48 8.67 18.81
N ARG A 118 -13.55 9.46 18.78
CA ARG A 118 -13.56 10.89 18.32
C ARG A 118 -12.30 11.60 18.82
N PRO A 119 -11.45 12.23 17.98
CA PRO A 119 -10.30 12.97 18.47
C PRO A 119 -10.77 14.23 19.22
N GLY A 120 -9.96 14.72 20.18
CA GLY A 120 -10.29 15.91 20.94
C GLY A 120 -11.21 15.64 22.13
N LYS A 121 -11.71 14.40 22.30
CA LYS A 121 -12.67 14.15 23.37
C LYS A 121 -11.93 13.74 24.65
N PRO A 122 -12.07 14.52 25.74
CA PRO A 122 -11.61 14.10 27.05
C PRO A 122 -11.92 12.63 27.36
N PHE A 123 -10.89 11.86 27.74
CA PHE A 123 -11.08 10.56 28.41
C PHE A 123 -10.53 10.54 29.85
N LEU A 124 -9.60 11.46 30.14
CA LEU A 124 -8.98 11.65 31.46
C LEU A 124 -8.65 13.11 31.71
N TYR A 125 -8.78 13.50 32.98
CA TYR A 125 -8.41 14.82 33.47
C TYR A 125 -7.22 14.69 34.42
N VAL A 126 -6.17 15.49 34.19
CA VAL A 126 -5.16 15.75 35.25
C VAL A 126 -5.43 17.15 35.85
N ASN A 127 -5.65 17.22 37.16
CA ASN A 127 -5.96 18.46 37.90
C ASN A 127 -4.74 18.80 38.77
N ALA A 128 -4.29 20.06 38.71
CA ALA A 128 -3.29 20.62 39.65
C ALA A 128 -3.84 21.92 40.26
N THR A 129 -3.28 22.30 41.43
CA THR A 129 -3.59 23.57 42.10
C THR A 129 -2.31 24.34 42.47
N ASP A 130 -2.51 25.64 42.72
CA ASP A 130 -1.48 26.60 43.09
C ASP A 130 -2.02 27.56 44.14
N LEU A 131 -1.39 27.58 45.31
CA LEU A 131 -1.95 28.24 46.51
C LEU A 131 -1.99 29.77 46.34
N ASP A 132 -1.24 30.29 45.35
CA ASP A 132 -1.22 31.72 44.97
C ASP A 132 -2.57 32.11 44.33
N ASP A 133 -2.64 33.38 43.89
CA ASP A 133 -3.90 34.05 43.56
C ASP A 133 -4.29 33.67 42.14
N PRO A 134 -5.41 32.93 41.96
CA PRO A 134 -5.85 32.54 40.62
C PRO A 134 -6.08 33.75 39.70
N ALA A 135 -6.38 34.93 40.26
CA ALA A 135 -6.69 36.11 39.45
C ALA A 135 -5.41 36.84 38.98
N THR A 136 -4.24 36.17 39.04
CA THR A 136 -2.94 36.75 38.68
C THR A 136 -2.10 35.67 38.01
N PRO A 137 -1.12 36.02 37.14
CA PRO A 137 -0.25 35.01 36.55
C PRO A 137 0.23 33.96 37.58
N ASN A 138 0.51 34.41 38.81
CA ASN A 138 1.17 33.63 39.86
C ASN A 138 0.44 32.30 40.16
N GLY A 139 -0.90 32.30 39.98
CA GLY A 139 -1.75 31.13 40.26
C GLY A 139 -2.58 30.66 39.06
N GLN A 140 -2.08 30.94 37.83
CA GLN A 140 -2.75 30.65 36.56
C GLN A 140 -1.94 29.58 35.80
N LEU A 141 -2.53 28.38 35.65
CA LEU A 141 -1.78 27.16 35.32
C LEU A 141 -1.83 26.84 33.82
N TYR A 142 -0.74 26.25 33.31
CA TYR A 142 -0.63 25.90 31.89
C TYR A 142 -0.03 24.49 31.74
N TYR A 143 -0.84 23.57 31.22
CA TYR A 143 -0.43 22.18 31.07
C TYR A 143 0.15 21.92 29.67
N GLN A 144 0.87 20.81 29.53
CA GLN A 144 1.70 20.59 28.37
C GLN A 144 2.27 19.15 28.46
N ILE A 145 2.40 18.47 27.32
CA ILE A 145 2.94 17.13 27.31
C ILE A 145 4.47 17.24 27.23
N VAL A 146 5.13 16.49 28.09
CA VAL A 146 6.56 16.55 28.14
C VAL A 146 7.11 15.48 27.19
N ILE A 147 6.54 14.29 27.27
CA ILE A 147 6.88 13.21 26.38
C ILE A 147 5.71 12.24 26.27
N GLN A 148 5.62 11.62 25.10
CA GLN A 148 4.75 10.49 24.88
C GLN A 148 5.67 9.31 24.59
N LEU A 149 5.43 8.21 25.34
CA LEU A 149 6.23 7.01 25.26
C LEU A 149 5.30 5.80 25.09
N PRO A 150 5.44 5.02 23.98
CA PRO A 150 6.39 5.29 22.91
C PRO A 150 5.88 6.34 21.92
N MET A 151 6.80 6.80 21.06
CA MET A 151 6.44 7.74 20.03
C MET A 151 7.00 7.29 18.67
N ILE A 152 6.08 7.14 17.72
CA ILE A 152 6.35 6.69 16.35
C ILE A 152 6.58 7.92 15.47
N ASN A 153 7.83 8.14 15.06
CA ASN A 153 8.14 9.07 13.99
C ASN A 153 7.75 10.51 14.32
N ASN A 154 7.94 10.92 15.57
CA ASN A 154 7.64 12.27 16.01
C ASN A 154 6.16 12.59 15.73
N VAL A 155 5.27 11.65 16.01
CA VAL A 155 3.85 11.85 15.78
C VAL A 155 3.08 11.71 17.10
N MET A 156 2.31 12.74 17.43
CA MET A 156 1.65 12.78 18.68
C MET A 156 0.27 12.14 18.52
N TYR A 157 0.06 11.06 19.29
CA TYR A 157 -1.23 10.35 19.36
C TYR A 157 -2.13 10.92 20.46
N PHE A 158 -1.54 11.65 21.41
CA PHE A 158 -2.35 12.32 22.41
C PHE A 158 -2.03 13.81 22.50
N GLN A 159 -2.98 14.54 23.05
CA GLN A 159 -2.81 15.97 23.33
C GLN A 159 -3.52 16.32 24.66
N ILE A 160 -3.21 17.52 25.16
CA ILE A 160 -3.74 18.01 26.42
C ILE A 160 -4.12 19.48 26.27
N ASN A 161 -5.26 19.83 26.84
CA ASN A 161 -5.82 21.15 26.81
C ASN A 161 -5.01 22.02 27.80
N ASN A 162 -4.32 23.05 27.28
CA ASN A 162 -3.28 23.76 28.02
C ASN A 162 -3.89 24.45 29.27
N LYS A 163 -5.18 24.79 29.23
CA LYS A 163 -5.88 25.38 30.38
C LYS A 163 -6.52 24.29 31.25
N THR A 164 -7.31 23.40 30.65
CA THR A 164 -8.32 22.56 31.33
C THR A 164 -7.75 21.26 31.91
N GLY A 165 -6.65 20.76 31.34
CA GLY A 165 -5.98 19.54 31.78
C GLY A 165 -6.54 18.27 31.12
N ALA A 166 -7.57 18.45 30.28
CA ALA A 166 -8.22 17.38 29.51
C ALA A 166 -7.22 16.77 28.54
N ILE A 167 -7.06 15.46 28.63
CA ILE A 167 -6.28 14.64 27.71
C ILE A 167 -7.24 13.94 26.73
N SER A 168 -6.90 14.01 25.45
CA SER A 168 -7.67 13.39 24.38
C SER A 168 -6.73 12.84 23.30
N LEU A 169 -7.29 12.05 22.37
CA LEU A 169 -6.54 11.60 21.18
C LEU A 169 -6.46 12.78 20.20
N THR A 170 -5.30 12.85 19.51
CA THR A 170 -5.18 13.65 18.29
C THR A 170 -5.93 12.95 17.17
N ARG A 171 -6.10 13.66 16.04
CA ARG A 171 -6.59 13.09 14.80
C ARG A 171 -5.83 11.77 14.60
N GLU A 172 -4.49 11.87 14.55
CA GLU A 172 -3.62 10.76 14.21
C GLU A 172 -3.78 9.60 15.19
N GLY A 173 -4.10 9.87 16.46
CA GLY A 173 -4.21 8.82 17.46
C GLY A 173 -5.49 8.04 17.23
N SER A 174 -6.60 8.75 17.10
CA SER A 174 -7.86 8.17 16.67
C SER A 174 -7.64 7.11 15.58
N GLN A 175 -6.84 7.48 14.57
CA GLN A 175 -6.65 6.74 13.31
C GLN A 175 -5.64 5.59 13.44
N GLU A 176 -4.44 5.84 13.99
CA GLU A 176 -3.33 4.85 14.04
C GLU A 176 -3.34 3.97 15.32
N LEU A 177 -4.03 4.40 16.37
CA LEU A 177 -3.84 3.72 17.64
C LEU A 177 -4.49 2.34 17.51
N ASN A 178 -3.65 1.31 17.61
CA ASN A 178 -4.00 -0.03 17.53
C ASN A 178 -3.43 -0.81 18.72
N PRO A 179 -4.30 -1.29 19.64
CA PRO A 179 -3.90 -2.18 20.73
C PRO A 179 -3.14 -3.48 20.38
N ALA A 180 -3.17 -3.90 19.12
CA ALA A 180 -2.38 -5.07 18.70
C ALA A 180 -0.91 -4.65 18.57
N LYS A 181 -0.68 -3.52 17.92
CA LYS A 181 0.65 -2.98 17.66
C LYS A 181 1.26 -2.46 18.97
N ASN A 182 0.40 -1.93 19.86
CA ASN A 182 0.81 -1.05 20.96
C ASN A 182 -0.38 -0.76 21.88
N PRO A 183 -0.65 -1.57 22.93
CA PRO A 183 -1.82 -1.32 23.79
C PRO A 183 -1.68 -0.26 24.89
N SER A 184 -0.45 0.24 25.09
CA SER A 184 -0.04 0.88 26.34
C SER A 184 0.88 2.09 26.11
N TYR A 185 0.45 3.27 26.57
CA TYR A 185 1.23 4.51 26.42
C TYR A 185 1.41 5.22 27.77
N ASN A 186 2.60 5.82 27.97
CA ASN A 186 2.92 6.71 29.09
C ASN A 186 2.99 8.15 28.58
N LEU A 187 2.30 9.05 29.28
CA LEU A 187 2.44 10.48 29.09
C LEU A 187 3.05 11.10 30.35
N VAL A 188 4.09 11.92 30.17
CA VAL A 188 4.53 12.82 31.23
C VAL A 188 3.95 14.21 30.94
N ILE A 189 3.25 14.76 31.95
CA ILE A 189 2.55 16.05 31.87
C ILE A 189 3.28 17.07 32.75
N SER A 190 3.53 18.27 32.21
CA SER A 190 4.05 19.36 33.03
C SER A 190 2.96 20.44 33.19
N VAL A 191 2.96 21.06 34.37
CA VAL A 191 2.15 22.23 34.70
C VAL A 191 3.11 23.34 35.14
N LYS A 192 2.77 24.55 34.73
CA LYS A 192 3.55 25.71 34.98
C LYS A 192 2.58 26.82 35.42
N ASP A 193 3.02 27.60 36.42
CA ASP A 193 2.34 28.84 36.75
C ASP A 193 2.86 29.93 35.82
N MET A 194 2.33 31.13 36.00
CA MET A 194 2.64 32.31 35.19
C MET A 194 2.07 32.09 33.79
N GLY A 195 1.05 31.23 33.70
CA GLY A 195 0.48 30.80 32.43
C GLY A 195 1.50 30.21 31.46
N GLY A 196 2.63 29.69 31.97
CA GLY A 196 3.72 29.13 31.16
C GLY A 196 4.60 30.20 30.49
N GLN A 197 4.17 31.47 30.58
CA GLN A 197 4.68 32.52 29.74
C GLN A 197 5.99 33.12 30.31
N SER A 198 6.56 32.50 31.36
CA SER A 198 7.77 33.02 32.00
C SER A 198 8.77 31.88 32.22
N GLU A 199 10.04 32.21 31.96
CA GLU A 199 11.21 31.41 32.22
C GLU A 199 11.37 31.16 33.73
N ASN A 200 10.75 32.02 34.56
CA ASN A 200 10.89 31.93 36.02
C ASN A 200 9.69 31.19 36.64
N SER A 201 8.73 30.70 35.85
CA SER A 201 7.62 30.01 36.44
C SER A 201 8.08 28.70 37.10
N PHE A 202 7.24 28.29 38.05
CA PHE A 202 7.41 27.09 38.82
C PHE A 202 6.64 25.96 38.16
N SER A 203 7.23 24.77 38.23
CA SER A 203 6.79 23.62 37.46
C SER A 203 6.55 22.44 38.40
N ASP A 204 5.55 21.62 38.04
CA ASP A 204 5.39 20.24 38.55
C ASP A 204 5.11 19.28 37.37
N THR A 205 5.32 17.99 37.58
CA THR A 205 5.18 16.98 36.59
C THR A 205 4.40 15.82 37.19
N THR A 206 3.77 15.02 36.32
CA THR A 206 3.07 13.79 36.71
C THR A 206 3.04 12.82 35.52
N SER A 207 2.70 11.58 35.82
CA SER A 207 2.83 10.43 34.97
C SER A 207 1.43 9.89 34.66
N VAL A 208 1.16 9.63 33.39
CA VAL A 208 -0.12 9.11 32.95
C VAL A 208 0.10 7.82 32.15
N ASP A 209 -0.45 6.73 32.71
CA ASP A 209 -0.56 5.42 32.08
C ASP A 209 -1.91 5.35 31.36
N ILE A 210 -1.84 5.04 30.06
CA ILE A 210 -3.00 4.95 29.18
C ILE A 210 -3.02 3.56 28.58
N ILE A 211 -4.16 2.90 28.75
CA ILE A 211 -4.49 1.65 28.09
C ILE A 211 -5.40 1.98 26.90
N VAL A 212 -5.11 1.42 25.72
CA VAL A 212 -6.01 1.58 24.56
C VAL A 212 -6.92 0.36 24.47
N THR A 213 -8.23 0.53 24.66
CA THR A 213 -9.17 -0.62 24.53
C THR A 213 -9.56 -0.87 23.05
N GLU A 214 -9.91 -2.13 22.78
CA GLU A 214 -10.27 -2.67 21.44
C GLU A 214 -11.56 -2.02 20.92
N ASN A 215 -11.59 -1.80 19.60
CA ASN A 215 -12.76 -1.46 18.80
C ASN A 215 -13.10 -2.65 17.88
N ILE A 216 -14.28 -3.26 18.04
CA ILE A 216 -14.66 -4.38 17.18
C ILE A 216 -15.62 -3.88 16.10
N TRP A 217 -15.80 -2.57 15.99
CA TRP A 217 -16.64 -1.99 14.96
C TRP A 217 -15.74 -1.55 13.80
N LYS A 218 -15.51 -2.50 12.88
CA LYS A 218 -14.77 -2.18 11.67
C LYS A 218 -15.49 -2.71 10.45
N ALA A 219 -15.19 -2.06 9.33
CA ALA A 219 -15.62 -2.50 8.01
C ALA A 219 -15.13 -3.93 7.81
N PRO A 220 -16.02 -4.86 7.40
CA PRO A 220 -15.62 -6.24 7.19
C PRO A 220 -14.95 -6.32 5.82
N LYS A 221 -14.33 -7.46 5.57
CA LYS A 221 -13.78 -7.84 4.27
C LYS A 221 -14.89 -7.84 3.22
N PRO A 222 -14.56 -7.35 2.00
CA PRO A 222 -15.40 -7.50 0.82
C PRO A 222 -15.93 -8.94 0.64
N VAL A 223 -17.21 -9.03 0.26
CA VAL A 223 -17.92 -10.27 0.06
C VAL A 223 -18.01 -10.53 -1.45
N GLU A 224 -17.84 -11.82 -1.81
CA GLU A 224 -18.25 -12.40 -3.11
C GLU A 224 -19.40 -13.37 -2.86
N MET A 225 -20.52 -13.13 -3.57
CA MET A 225 -21.72 -14.01 -3.58
C MET A 225 -21.98 -14.50 -5.04
N VAL A 226 -22.09 -15.83 -5.22
CA VAL A 226 -22.49 -16.41 -6.53
C VAL A 226 -23.94 -16.05 -6.80
N GLU A 227 -24.25 -15.67 -8.04
CA GLU A 227 -25.63 -15.44 -8.41
C GLU A 227 -26.41 -16.77 -8.50
N ASN A 228 -27.73 -16.63 -8.60
CA ASN A 228 -28.63 -17.73 -8.88
C ASN A 228 -28.55 -18.82 -7.80
N SER A 229 -28.42 -18.44 -6.53
CA SER A 229 -28.22 -19.43 -5.48
C SER A 229 -29.43 -20.38 -5.48
N THR A 230 -29.06 -21.67 -5.51
CA THR A 230 -29.95 -22.83 -5.56
C THR A 230 -30.30 -23.26 -4.13
N ASP A 231 -29.58 -22.66 -3.16
CA ASP A 231 -29.66 -22.92 -1.69
C ASP A 231 -30.81 -22.12 -1.08
N PRO A 232 -31.26 -22.48 0.14
CA PRO A 232 -32.38 -21.77 0.78
C PRO A 232 -31.93 -20.47 1.47
N HIS A 233 -32.78 -19.43 1.40
CA HIS A 233 -32.48 -18.04 1.77
C HIS A 233 -33.27 -17.64 3.00
N PRO A 234 -32.90 -16.56 3.73
CA PRO A 234 -31.66 -15.82 3.51
C PRO A 234 -30.39 -16.61 3.95
N ILE A 235 -29.23 -16.16 3.40
CA ILE A 235 -27.91 -16.68 3.73
C ILE A 235 -27.04 -15.57 4.37
N LYS A 236 -26.40 -15.90 5.49
CA LYS A 236 -25.44 -15.00 6.15
C LYS A 236 -24.27 -14.81 5.19
N ILE A 237 -23.86 -13.56 4.96
CA ILE A 237 -22.74 -13.29 4.04
C ILE A 237 -21.61 -12.49 4.71
N THR A 238 -21.89 -11.75 5.79
CA THR A 238 -20.87 -11.05 6.53
C THR A 238 -21.51 -10.55 7.83
N GLN A 239 -20.75 -9.78 8.60
CA GLN A 239 -21.25 -9.32 9.91
C GLN A 239 -20.50 -8.09 10.40
N VAL A 240 -21.17 -7.36 11.29
CA VAL A 240 -20.58 -6.30 12.02
C VAL A 240 -21.02 -6.42 13.48
N ARG A 241 -20.21 -5.83 14.39
CA ARG A 241 -20.52 -5.86 15.83
C ARG A 241 -20.18 -4.51 16.46
N TRP A 242 -21.16 -3.97 17.21
CA TRP A 242 -20.89 -2.83 18.06
C TRP A 242 -20.20 -3.31 19.37
N ASN A 243 -19.37 -2.41 19.96
CA ASN A 243 -18.49 -2.72 21.11
C ASN A 243 -19.31 -3.15 22.33
N ASP A 244 -20.43 -2.44 22.53
CA ASP A 244 -21.31 -2.63 23.66
C ASP A 244 -22.58 -3.28 23.15
N PRO A 245 -23.25 -4.11 23.97
CA PRO A 245 -24.46 -4.79 23.51
C PRO A 245 -25.63 -3.79 23.43
N GLY A 246 -26.77 -4.28 22.95
CA GLY A 246 -28.03 -3.55 22.96
C GLY A 246 -28.30 -2.72 21.71
N ALA A 247 -27.28 -2.50 20.86
CA ALA A 247 -27.40 -1.58 19.73
C ALA A 247 -28.47 -2.10 18.76
N GLN A 248 -29.12 -1.18 18.01
CA GLN A 248 -30.10 -1.60 16.97
C GLN A 248 -29.45 -1.33 15.60
N TYR A 249 -29.48 -2.40 14.79
CA TYR A 249 -28.68 -2.45 13.60
C TYR A 249 -29.58 -2.10 12.42
N SER A 250 -29.09 -1.19 11.57
CA SER A 250 -29.69 -0.85 10.29
C SER A 250 -28.69 -1.14 9.16
N LEU A 251 -29.24 -1.13 7.96
CA LEU A 251 -28.52 -1.23 6.72
C LEU A 251 -28.98 -0.05 5.86
N VAL A 252 -28.06 0.76 5.33
CA VAL A 252 -28.43 1.95 4.57
C VAL A 252 -27.94 1.83 3.11
N ASP A 253 -28.91 1.85 2.19
CA ASP A 253 -28.70 1.58 0.74
C ASP A 253 -28.52 2.91 0.00
N LYS A 254 -27.32 3.15 -0.53
CA LYS A 254 -26.87 4.48 -0.90
C LYS A 254 -27.55 4.94 -2.21
N GLU A 255 -27.67 4.06 -3.21
CA GLU A 255 -28.60 4.26 -4.34
C GLU A 255 -29.96 3.70 -3.89
N LYS A 256 -31.07 4.10 -4.51
CA LYS A 256 -32.38 3.67 -4.03
C LYS A 256 -32.86 2.62 -5.03
N LEU A 257 -32.28 1.44 -4.86
CA LEU A 257 -32.44 0.33 -5.79
C LEU A 257 -33.86 -0.19 -5.78
N PRO A 258 -34.26 -0.96 -6.82
CA PRO A 258 -35.63 -1.46 -6.91
C PRO A 258 -35.94 -2.42 -5.75
N ARG A 259 -35.13 -3.47 -5.67
CA ARG A 259 -35.08 -4.46 -4.62
C ARG A 259 -33.70 -4.38 -4.00
N PHE A 260 -33.61 -4.21 -2.68
CA PHE A 260 -32.35 -4.33 -1.98
C PHE A 260 -32.31 -5.70 -1.31
N PRO A 261 -31.53 -6.66 -1.85
CA PRO A 261 -31.62 -8.05 -1.40
C PRO A 261 -30.75 -8.44 -0.18
N PHE A 262 -30.30 -7.45 0.59
CA PHE A 262 -29.60 -7.71 1.85
C PHE A 262 -30.34 -7.00 2.99
N SER A 263 -30.46 -7.70 4.14
CA SER A 263 -30.88 -7.04 5.38
C SER A 263 -30.03 -7.52 6.56
N ILE A 264 -30.29 -6.94 7.75
CA ILE A 264 -29.44 -7.15 8.92
C ILE A 264 -30.33 -7.52 10.12
N ASP A 265 -29.84 -8.42 10.96
CA ASP A 265 -30.56 -8.85 12.15
C ASP A 265 -29.96 -8.13 13.35
N GLN A 266 -30.46 -8.48 14.53
CA GLN A 266 -30.24 -7.65 15.70
C GLN A 266 -28.88 -7.95 16.33
N GLU A 267 -28.25 -9.07 15.97
CA GLU A 267 -26.91 -9.38 16.42
C GLU A 267 -25.85 -8.71 15.53
N GLY A 268 -26.24 -8.15 14.37
CA GLY A 268 -25.28 -7.52 13.43
C GLY A 268 -24.93 -8.39 12.24
N ASP A 269 -25.65 -9.52 12.08
CA ASP A 269 -25.43 -10.42 10.99
C ASP A 269 -26.09 -9.83 9.74
N ILE A 270 -25.36 -9.83 8.61
CA ILE A 270 -25.82 -9.29 7.34
C ILE A 270 -26.10 -10.47 6.38
N TYR A 271 -27.34 -10.52 5.91
CA TYR A 271 -27.91 -11.65 5.22
C TYR A 271 -28.23 -11.23 3.79
N VAL A 272 -28.13 -12.15 2.84
CA VAL A 272 -28.72 -11.92 1.51
C VAL A 272 -30.08 -12.67 1.42
N THR A 273 -31.11 -11.91 1.03
CA THR A 273 -32.53 -12.24 1.05
C THR A 273 -32.99 -13.18 -0.09
N GLN A 274 -32.34 -13.00 -1.25
CA GLN A 274 -32.76 -13.46 -2.57
C GLN A 274 -31.56 -13.90 -3.40
N PRO A 275 -31.83 -14.58 -4.53
CA PRO A 275 -30.81 -14.75 -5.55
C PRO A 275 -30.48 -13.37 -6.19
N LEU A 276 -29.20 -13.26 -6.51
CA LEU A 276 -28.69 -12.20 -7.33
C LEU A 276 -28.60 -12.72 -8.77
N ASP A 277 -28.42 -11.77 -9.69
CA ASP A 277 -28.15 -12.01 -11.08
C ASP A 277 -27.05 -11.00 -11.52
N ARG A 278 -25.86 -11.55 -11.83
CA ARG A 278 -24.76 -10.73 -12.37
C ARG A 278 -25.26 -9.84 -13.51
N GLU A 279 -26.19 -10.39 -14.32
CA GLU A 279 -26.57 -9.82 -15.58
C GLU A 279 -27.48 -8.60 -15.36
N GLU A 280 -28.16 -8.54 -14.21
CA GLU A 280 -28.94 -7.36 -13.76
C GLU A 280 -28.01 -6.39 -13.01
N LYS A 281 -27.11 -6.94 -12.16
CA LYS A 281 -26.43 -6.20 -11.10
C LYS A 281 -25.09 -6.84 -10.74
N ASP A 282 -24.02 -6.10 -11.02
CA ASP A 282 -22.64 -6.58 -10.98
C ASP A 282 -22.09 -6.56 -9.54
N ALA A 283 -22.38 -5.47 -8.81
CA ALA A 283 -21.78 -5.20 -7.49
C ALA A 283 -22.72 -4.28 -6.70
N TYR A 284 -22.53 -4.29 -5.38
CA TYR A 284 -23.29 -3.45 -4.49
C TYR A 284 -22.34 -2.80 -3.49
N VAL A 285 -22.64 -1.55 -3.08
CA VAL A 285 -22.10 -0.97 -1.85
C VAL A 285 -23.25 -0.43 -1.01
N PHE A 286 -23.18 -0.68 0.30
CA PHE A 286 -24.11 -0.13 1.26
C PHE A 286 -23.39 0.03 2.60
N TYR A 287 -24.09 0.55 3.60
CA TYR A 287 -23.49 0.97 4.87
C TYR A 287 -24.23 0.25 6.00
N ALA A 288 -23.47 -0.24 6.97
CA ALA A 288 -24.06 -0.68 8.21
C ALA A 288 -23.92 0.46 9.24
N VAL A 289 -25.01 0.65 9.99
CA VAL A 289 -25.08 1.65 11.01
C VAL A 289 -25.53 1.00 12.31
N ALA A 290 -24.90 1.51 13.39
CA ALA A 290 -25.22 1.14 14.78
C ALA A 290 -26.03 2.25 15.46
N LYS A 291 -27.08 1.85 16.21
CA LYS A 291 -27.91 2.83 16.95
C LYS A 291 -27.96 2.52 18.46
N ASP A 292 -28.23 3.56 19.29
CA ASP A 292 -28.58 3.38 20.74
C ASP A 292 -30.11 3.16 20.86
N GLU A 293 -30.66 3.08 22.09
CA GLU A 293 -32.13 2.84 22.26
C GLU A 293 -32.92 4.06 21.78
N TYR A 294 -32.21 5.19 21.71
CA TYR A 294 -32.75 6.54 21.48
C TYR A 294 -32.84 6.87 19.98
N GLY A 295 -32.14 6.10 19.13
CA GLY A 295 -32.12 6.34 17.69
C GLY A 295 -30.99 7.27 17.28
N LYS A 296 -30.01 7.45 18.17
CA LYS A 296 -28.86 8.27 17.88
C LYS A 296 -27.71 7.36 17.42
N PRO A 297 -27.25 7.55 16.16
CA PRO A 297 -26.04 6.91 15.66
C PRO A 297 -24.96 6.76 16.73
N LEU A 298 -24.31 5.58 16.75
CA LEU A 298 -23.31 5.22 17.76
C LEU A 298 -21.89 5.61 17.28
N SER A 299 -21.65 5.63 15.96
CA SER A 299 -20.30 5.86 15.45
C SER A 299 -20.35 6.15 13.95
N TYR A 300 -19.16 6.12 13.33
CA TYR A 300 -19.05 6.23 11.88
C TYR A 300 -19.78 5.05 11.23
N PRO A 301 -20.32 5.21 9.99
CA PRO A 301 -21.03 4.10 9.35
C PRO A 301 -19.90 3.24 8.75
N LEU A 302 -20.28 2.02 8.36
CA LEU A 302 -19.36 1.00 7.88
C LEU A 302 -19.71 0.62 6.44
N GLU A 303 -18.70 0.67 5.57
CA GLU A 303 -18.80 0.37 4.12
C GLU A 303 -18.73 -1.15 3.90
N ILE A 304 -19.79 -1.70 3.26
CA ILE A 304 -19.95 -3.13 2.88
C ILE A 304 -19.91 -3.24 1.36
N HIS A 305 -19.08 -4.15 0.84
CA HIS A 305 -18.98 -4.39 -0.60
C HIS A 305 -19.39 -5.83 -0.94
N VAL A 306 -20.31 -5.97 -1.91
CA VAL A 306 -20.65 -7.29 -2.40
C VAL A 306 -20.40 -7.36 -3.91
N LYS A 307 -19.46 -8.21 -4.30
CA LYS A 307 -19.22 -8.64 -5.67
C LYS A 307 -20.14 -9.83 -6.01
N VAL A 308 -20.79 -9.76 -7.17
CA VAL A 308 -21.65 -10.86 -7.67
C VAL A 308 -20.83 -11.71 -8.66
N LYS A 309 -20.50 -12.95 -8.26
CA LYS A 309 -19.77 -13.88 -9.14
C LYS A 309 -20.77 -14.42 -10.16
N ASP A 310 -20.27 -14.57 -11.40
CA ASP A 310 -20.99 -15.09 -12.55
C ASP A 310 -21.12 -16.62 -12.45
N ILE A 311 -22.29 -17.10 -12.88
CA ILE A 311 -22.57 -18.49 -13.27
C ILE A 311 -23.03 -18.44 -14.74
N ASN A 312 -22.84 -19.58 -15.43
CA ASN A 312 -23.30 -19.81 -16.83
C ASN A 312 -24.82 -20.05 -16.83
N ASP A 313 -25.60 -18.97 -16.93
CA ASP A 313 -27.04 -19.03 -16.78
C ASP A 313 -27.74 -18.35 -17.97
N ASN A 314 -26.97 -17.92 -18.98
CA ASN A 314 -27.51 -17.58 -20.31
C ASN A 314 -26.84 -18.43 -21.39
N PRO A 315 -27.63 -18.97 -22.34
CA PRO A 315 -27.11 -19.68 -23.51
C PRO A 315 -26.80 -18.70 -24.63
N PRO A 316 -26.00 -19.09 -25.64
CA PRO A 316 -25.67 -18.19 -26.73
C PRO A 316 -26.97 -17.90 -27.50
N THR A 317 -27.07 -16.68 -28.04
CA THR A 317 -28.19 -16.34 -28.90
C THR A 317 -27.72 -16.05 -30.33
N CYS A 318 -28.68 -16.00 -31.26
CA CYS A 318 -28.39 -15.71 -32.67
C CYS A 318 -28.51 -14.21 -32.94
N PRO A 319 -27.70 -13.66 -33.86
CA PRO A 319 -27.78 -12.22 -34.12
C PRO A 319 -29.13 -11.88 -34.77
N SER A 320 -29.84 -12.88 -35.32
CA SER A 320 -31.16 -12.71 -35.98
C SER A 320 -31.67 -14.06 -36.51
N PRO A 321 -32.99 -14.21 -36.76
CA PRO A 321 -33.53 -15.51 -37.18
C PRO A 321 -32.79 -16.17 -38.37
N VAL A 322 -32.42 -15.35 -39.37
CA VAL A 322 -31.62 -15.83 -40.50
C VAL A 322 -30.59 -14.74 -40.83
N THR A 323 -29.32 -15.15 -40.91
CA THR A 323 -28.23 -14.24 -41.26
C THR A 323 -27.84 -14.51 -42.72
N VAL A 324 -27.82 -13.46 -43.55
CA VAL A 324 -27.74 -13.65 -45.06
C VAL A 324 -26.42 -13.12 -45.63
N PHE A 325 -25.72 -13.97 -46.40
CA PHE A 325 -24.47 -13.58 -47.09
C PHE A 325 -24.53 -13.91 -48.56
N GLU A 326 -23.84 -13.10 -49.37
CA GLU A 326 -23.76 -13.25 -50.81
C GLU A 326 -22.32 -13.57 -51.22
N VAL A 327 -22.14 -14.56 -52.09
CA VAL A 327 -20.84 -14.98 -52.59
C VAL A 327 -20.86 -15.02 -54.13
N GLN A 328 -19.75 -14.56 -54.73
CA GLN A 328 -19.54 -14.59 -56.17
C GLN A 328 -18.97 -15.97 -56.58
N GLU A 329 -19.28 -16.38 -57.82
CA GLU A 329 -18.82 -17.66 -58.32
C GLU A 329 -17.34 -17.54 -58.68
N ASN A 330 -16.86 -16.33 -58.98
CA ASN A 330 -15.47 -16.13 -59.30
C ASN A 330 -14.60 -16.25 -58.02
N GLU A 331 -15.20 -16.47 -56.84
CA GLU A 331 -14.41 -16.56 -55.61
C GLU A 331 -14.09 -18.03 -55.28
N ARG A 332 -12.84 -18.23 -54.82
CA ARG A 332 -12.13 -19.51 -54.82
C ARG A 332 -11.81 -19.95 -53.38
N LEU A 333 -11.35 -21.20 -53.28
CA LEU A 333 -10.95 -21.87 -52.06
C LEU A 333 -10.42 -20.84 -51.08
N GLY A 334 -11.14 -20.66 -49.98
CA GLY A 334 -10.69 -19.82 -48.89
C GLY A 334 -11.27 -18.41 -48.91
N ASN A 335 -12.25 -18.11 -49.76
CA ASN A 335 -12.85 -16.77 -49.69
C ASN A 335 -13.46 -16.58 -48.30
N SER A 336 -13.25 -15.39 -47.73
CA SER A 336 -14.09 -14.94 -46.61
C SER A 336 -15.46 -14.51 -47.15
N ILE A 337 -16.51 -15.13 -46.55
CA ILE A 337 -17.91 -14.93 -46.85
C ILE A 337 -18.53 -13.93 -45.85
N GLY A 338 -18.36 -14.20 -44.56
CA GLY A 338 -18.91 -13.34 -43.56
C GLY A 338 -18.62 -13.86 -42.16
N THR A 339 -19.02 -13.07 -41.17
CA THR A 339 -18.87 -13.49 -39.79
C THR A 339 -20.25 -13.52 -39.14
N LEU A 340 -20.56 -14.66 -38.55
CA LEU A 340 -21.71 -14.83 -37.69
C LEU A 340 -21.25 -14.53 -36.25
N THR A 341 -21.84 -13.52 -35.63
CA THR A 341 -21.52 -13.21 -34.24
C THR A 341 -22.80 -13.36 -33.39
N ALA A 342 -22.81 -14.49 -32.67
CA ALA A 342 -23.72 -14.78 -31.60
C ALA A 342 -23.31 -13.98 -30.35
N HIS A 343 -24.24 -13.79 -29.40
CA HIS A 343 -24.00 -13.04 -28.14
C HIS A 343 -24.36 -13.93 -26.94
N ASP A 344 -23.67 -13.71 -25.83
CA ASP A 344 -23.87 -14.45 -24.58
C ASP A 344 -23.92 -13.37 -23.49
N ARG A 345 -24.95 -13.40 -22.64
CA ARG A 345 -25.15 -12.32 -21.64
C ARG A 345 -24.20 -12.51 -20.43
N ASP A 346 -23.64 -13.71 -20.26
CA ASP A 346 -22.75 -14.03 -19.12
C ASP A 346 -21.46 -13.18 -19.24
N GLU A 347 -20.46 -13.42 -18.38
CA GLU A 347 -19.44 -12.41 -18.16
C GLU A 347 -18.40 -12.50 -19.28
N GLU A 348 -18.15 -11.37 -19.94
CA GLU A 348 -17.15 -11.28 -21.00
C GLU A 348 -15.85 -11.92 -20.54
N ASN A 349 -15.04 -12.35 -21.50
CA ASN A 349 -13.69 -12.85 -21.26
C ASN A 349 -13.64 -14.00 -20.26
N THR A 350 -14.77 -14.67 -20.01
CA THR A 350 -14.78 -15.89 -19.21
C THR A 350 -15.31 -17.06 -20.04
N ALA A 351 -15.17 -18.29 -19.51
CA ALA A 351 -15.66 -19.50 -20.16
C ALA A 351 -17.19 -19.52 -20.27
N ASN A 352 -17.85 -18.61 -19.56
CA ASN A 352 -19.32 -18.58 -19.52
C ASN A 352 -19.86 -17.97 -20.82
N SER A 353 -19.04 -17.15 -21.49
CA SER A 353 -19.47 -16.35 -22.63
C SER A 353 -18.60 -16.64 -23.86
N PHE A 354 -17.68 -17.60 -23.78
CA PHE A 354 -16.68 -17.85 -24.82
C PHE A 354 -17.18 -18.88 -25.85
N LEU A 355 -17.66 -18.40 -27.00
CA LEU A 355 -18.42 -19.24 -27.98
C LEU A 355 -17.47 -20.02 -28.90
N ASN A 356 -17.89 -21.27 -29.21
CA ASN A 356 -17.35 -21.99 -30.43
C ASN A 356 -18.46 -22.34 -31.45
N TYR A 357 -18.01 -22.49 -32.70
CA TYR A 357 -18.88 -22.57 -33.88
C TYR A 357 -18.60 -23.85 -34.70
N ARG A 358 -19.67 -24.58 -35.05
CA ARG A 358 -19.59 -25.79 -35.89
C ARG A 358 -20.72 -25.74 -36.93
N ILE A 359 -20.40 -26.08 -38.18
CA ILE A 359 -21.45 -26.31 -39.22
C ILE A 359 -22.07 -27.70 -39.00
N VAL A 360 -23.38 -27.76 -38.78
CA VAL A 360 -24.07 -29.03 -38.50
C VAL A 360 -24.63 -29.61 -39.81
N GLU A 361 -25.51 -28.84 -40.48
CA GLU A 361 -26.10 -29.23 -41.74
C GLU A 361 -25.69 -28.21 -42.81
N GLN A 362 -25.67 -28.70 -44.07
CA GLN A 362 -25.57 -27.93 -45.30
C GLN A 362 -26.58 -28.50 -46.30
N THR A 363 -27.57 -27.70 -46.70
CA THR A 363 -28.47 -28.15 -47.74
C THR A 363 -28.53 -27.12 -48.86
N PRO A 364 -28.61 -27.57 -50.13
CA PRO A 364 -28.47 -28.99 -50.48
C PRO A 364 -26.99 -29.40 -50.50
N LYS A 365 -26.72 -30.70 -50.57
CA LYS A 365 -25.35 -31.23 -50.64
C LYS A 365 -24.82 -31.26 -52.08
N LEU A 366 -25.18 -30.27 -52.92
CA LEU A 366 -24.84 -30.31 -54.36
C LEU A 366 -23.99 -29.08 -54.74
N PRO A 367 -22.90 -29.24 -55.51
CA PRO A 367 -22.39 -30.55 -55.95
C PRO A 367 -21.84 -31.54 -54.89
N MET A 368 -21.49 -31.06 -53.68
CA MET A 368 -20.97 -31.94 -52.59
C MET A 368 -21.28 -31.33 -51.22
N ASP A 369 -21.18 -32.14 -50.16
CA ASP A 369 -21.21 -31.63 -48.78
C ASP A 369 -19.88 -30.93 -48.51
N GLY A 370 -19.84 -30.11 -47.47
CA GLY A 370 -18.62 -29.62 -46.86
C GLY A 370 -17.97 -28.50 -47.66
N LEU A 371 -18.81 -27.76 -48.43
CA LEU A 371 -18.34 -26.64 -49.25
C LEU A 371 -17.93 -25.46 -48.36
N PHE A 372 -18.33 -25.52 -47.09
CA PHE A 372 -18.08 -24.48 -46.17
C PHE A 372 -17.27 -24.99 -44.96
N LEU A 373 -16.47 -24.09 -44.41
CA LEU A 373 -16.00 -24.24 -43.03
C LEU A 373 -16.41 -22.97 -42.28
N ILE A 374 -16.54 -23.11 -40.96
CA ILE A 374 -16.62 -21.95 -40.09
C ILE A 374 -15.46 -22.04 -39.11
N GLN A 375 -14.67 -20.96 -39.01
CA GLN A 375 -13.55 -20.85 -38.04
C GLN A 375 -14.11 -21.02 -36.63
N THR A 376 -13.53 -21.96 -35.90
CA THR A 376 -14.11 -22.49 -34.70
C THR A 376 -14.48 -21.39 -33.68
N TYR A 377 -13.65 -20.33 -33.57
CA TYR A 377 -13.85 -19.32 -32.52
C TYR A 377 -14.15 -17.94 -33.14
N ALA A 378 -13.61 -17.65 -34.34
CA ALA A 378 -13.82 -16.33 -34.95
C ALA A 378 -15.26 -16.21 -35.50
N GLY A 379 -15.88 -17.36 -35.84
CA GLY A 379 -17.24 -17.39 -36.41
C GLY A 379 -17.29 -17.03 -37.90
N MET A 380 -16.14 -17.12 -38.59
CA MET A 380 -16.02 -16.65 -39.97
C MET A 380 -16.23 -17.82 -40.92
N LEU A 381 -17.06 -17.60 -41.95
CA LEU A 381 -17.32 -18.61 -42.98
C LEU A 381 -16.38 -18.37 -44.17
N GLN A 382 -15.72 -19.46 -44.57
CA GLN A 382 -14.84 -19.51 -45.72
C GLN A 382 -15.37 -20.61 -46.67
N LEU A 383 -15.04 -20.52 -47.97
CA LEU A 383 -15.27 -21.66 -48.91
C LEU A 383 -14.20 -22.72 -48.69
N ALA A 384 -14.63 -23.96 -48.44
CA ALA A 384 -13.72 -25.03 -48.03
C ALA A 384 -13.07 -25.77 -49.21
N LYS A 385 -13.71 -25.82 -50.40
CA LYS A 385 -13.29 -26.78 -51.48
C LYS A 385 -13.07 -26.14 -52.85
N GLN A 386 -14.06 -25.42 -53.38
CA GLN A 386 -14.07 -24.98 -54.76
C GLN A 386 -14.97 -23.76 -54.85
N SER A 387 -15.10 -23.16 -56.04
CA SER A 387 -16.06 -22.09 -56.28
C SER A 387 -17.49 -22.65 -56.37
N LEU A 388 -18.45 -21.78 -56.05
CA LEU A 388 -19.87 -22.07 -56.19
C LEU A 388 -20.33 -21.71 -57.61
N LYS A 389 -21.43 -22.30 -58.06
CA LYS A 389 -21.94 -21.99 -59.41
C LYS A 389 -23.45 -21.74 -59.39
N LYS A 390 -23.84 -20.48 -59.64
CA LYS A 390 -25.22 -20.01 -59.53
C LYS A 390 -26.12 -20.86 -60.42
N GLN A 391 -25.58 -21.23 -61.60
CA GLN A 391 -26.24 -22.07 -62.60
C GLN A 391 -26.70 -23.40 -61.97
N ASP A 392 -25.87 -23.96 -61.09
CA ASP A 392 -26.06 -25.31 -60.55
C ASP A 392 -26.96 -25.27 -59.30
N THR A 393 -26.71 -24.34 -58.37
CA THR A 393 -27.63 -24.09 -57.23
C THR A 393 -27.55 -22.63 -56.80
N PRO A 394 -28.68 -21.93 -56.63
CA PRO A 394 -28.64 -20.48 -56.43
C PRO A 394 -28.36 -20.11 -54.95
N GLN A 395 -28.37 -21.10 -54.05
CA GLN A 395 -28.56 -20.77 -52.66
C GLN A 395 -28.32 -21.98 -51.74
N TYR A 396 -27.59 -21.72 -50.62
CA TYR A 396 -27.26 -22.70 -49.56
C TYR A 396 -27.84 -22.25 -48.21
N ASN A 397 -28.26 -23.24 -47.43
CA ASN A 397 -28.82 -23.08 -46.11
C ASN A 397 -27.98 -23.91 -45.13
N LEU A 398 -27.29 -23.22 -44.22
CA LEU A 398 -26.45 -23.86 -43.23
C LEU A 398 -27.12 -23.76 -41.85
N THR A 399 -27.02 -24.85 -41.07
CA THR A 399 -27.36 -24.86 -39.67
C THR A 399 -26.06 -24.87 -38.86
N ILE A 400 -25.80 -23.76 -38.13
CA ILE A 400 -24.57 -23.55 -37.29
C ILE A 400 -24.89 -23.81 -35.81
N GLU A 401 -24.11 -24.70 -35.17
CA GLU A 401 -24.21 -24.96 -33.72
C GLU A 401 -23.22 -24.05 -32.98
N VAL A 402 -23.76 -23.00 -32.35
CA VAL A 402 -23.03 -22.06 -31.46
C VAL A 402 -23.13 -22.61 -30.05
N SER A 403 -21.99 -22.91 -29.44
CA SER A 403 -22.09 -23.46 -28.13
C SER A 403 -21.07 -22.80 -27.19
N ASP A 404 -21.48 -22.59 -25.93
CA ASP A 404 -20.56 -22.19 -24.83
C ASP A 404 -20.24 -23.44 -24.01
N LYS A 405 -19.79 -23.24 -22.78
CA LYS A 405 -19.30 -24.31 -21.93
C LYS A 405 -20.31 -25.47 -21.87
N ASP A 406 -21.61 -25.17 -21.68
CA ASP A 406 -22.58 -26.26 -21.41
C ASP A 406 -23.97 -25.97 -22.01
N PHE A 407 -24.10 -24.91 -22.82
CA PHE A 407 -25.25 -24.66 -23.68
C PHE A 407 -24.87 -24.76 -25.16
N LYS A 408 -25.83 -25.20 -26.00
CA LYS A 408 -25.77 -25.23 -27.47
C LYS A 408 -26.96 -24.45 -28.02
N THR A 409 -26.74 -23.75 -29.13
CA THR A 409 -27.80 -23.08 -29.84
C THR A 409 -27.59 -23.29 -31.35
N LEU A 410 -28.69 -23.55 -32.07
CA LEU A 410 -28.69 -23.62 -33.54
C LEU A 410 -29.06 -22.25 -34.12
N CYS A 411 -28.19 -21.75 -35.02
CA CYS A 411 -28.39 -20.49 -35.77
C CYS A 411 -28.35 -20.80 -37.28
N PHE A 412 -29.15 -20.10 -38.08
CA PHE A 412 -29.38 -20.42 -39.52
C PHE A 412 -28.77 -19.34 -40.43
N VAL A 413 -27.89 -19.80 -41.34
CA VAL A 413 -27.21 -18.94 -42.27
C VAL A 413 -27.65 -19.32 -43.68
N GLN A 414 -27.84 -18.26 -44.50
CA GLN A 414 -28.19 -18.37 -45.88
C GLN A 414 -27.02 -17.85 -46.73
N ILE A 415 -26.51 -18.71 -47.62
CA ILE A 415 -25.52 -18.29 -48.60
C ILE A 415 -26.20 -18.18 -49.99
N ASN A 416 -26.32 -16.94 -50.48
CA ASN A 416 -26.86 -16.65 -51.82
C ASN A 416 -25.69 -16.58 -52.81
N VAL A 417 -25.79 -17.33 -53.90
CA VAL A 417 -24.78 -17.28 -54.96
C VAL A 417 -25.19 -16.24 -56.01
N ILE A 418 -24.29 -15.30 -56.32
CA ILE A 418 -24.50 -14.19 -57.27
C ILE A 418 -23.41 -14.21 -58.34
N ASP A 419 -23.62 -13.52 -59.47
CA ASP A 419 -22.53 -13.38 -60.52
C ASP A 419 -21.67 -12.13 -60.23
N GLU A 420 -20.80 -11.74 -61.18
CA GLU A 420 -19.53 -11.00 -60.89
C GLU A 420 -19.77 -9.47 -60.86
N LYS B 4 7.84 -15.08 -78.22
CA LYS B 4 6.69 -15.31 -77.31
C LYS B 4 5.65 -16.18 -78.03
N PHE B 5 5.35 -17.35 -77.44
CA PHE B 5 4.41 -18.38 -77.96
C PHE B 5 4.94 -19.17 -79.19
N SER B 6 6.04 -18.73 -79.82
CA SER B 6 6.77 -19.45 -80.89
C SER B 6 8.25 -19.13 -80.76
N GLY B 7 9.13 -20.09 -81.07
CA GLY B 7 10.53 -19.72 -81.21
C GLY B 7 11.46 -20.93 -81.33
N PRO B 8 12.77 -20.66 -81.58
CA PRO B 8 13.75 -21.74 -81.71
C PRO B 8 13.82 -22.53 -80.38
N LEU B 9 14.11 -23.81 -80.50
CA LEU B 9 14.34 -24.70 -79.40
C LEU B 9 15.61 -24.25 -78.68
N LYS B 10 15.44 -23.69 -77.49
CA LYS B 10 16.53 -23.18 -76.64
C LYS B 10 16.10 -23.39 -75.19
N PRO B 11 17.02 -23.44 -74.19
CA PRO B 11 16.61 -23.51 -72.79
C PRO B 11 15.56 -22.43 -72.48
N MET B 12 14.48 -22.79 -71.77
CA MET B 12 13.41 -21.83 -71.44
C MET B 12 12.76 -22.21 -70.11
N THR B 13 12.04 -21.23 -69.55
CA THR B 13 11.38 -21.40 -68.28
C THR B 13 10.00 -20.74 -68.34
N PHE B 14 9.00 -21.53 -67.96
CA PHE B 14 7.63 -21.08 -67.90
C PHE B 14 7.14 -21.32 -66.48
N SER B 15 6.22 -20.47 -66.03
CA SER B 15 5.63 -20.50 -64.69
C SER B 15 4.12 -20.65 -64.80
N ILE B 16 3.53 -21.64 -64.10
CA ILE B 16 2.09 -21.95 -64.27
C ILE B 16 1.45 -22.17 -62.90
N TYR B 17 0.27 -21.59 -62.69
CA TYR B 17 -0.42 -21.77 -61.47
C TYR B 17 -0.88 -23.22 -61.39
N GLU B 18 -0.70 -23.86 -60.25
CA GLU B 18 -1.41 -25.08 -59.93
C GLU B 18 -2.92 -24.75 -59.84
N GLY B 19 -3.70 -25.84 -59.74
CA GLY B 19 -5.17 -25.88 -59.79
C GLY B 19 -5.78 -25.11 -60.96
N GLN B 20 -5.07 -25.04 -62.09
CA GLN B 20 -5.57 -24.42 -63.31
C GLN B 20 -5.93 -25.54 -64.29
N GLU B 21 -7.20 -25.75 -64.65
CA GLU B 21 -7.50 -26.64 -65.81
C GLU B 21 -7.05 -25.92 -67.08
N PRO B 22 -6.14 -26.52 -67.88
CA PRO B 22 -5.58 -25.86 -69.06
C PRO B 22 -6.62 -25.55 -70.17
N SER B 23 -6.40 -24.37 -70.79
CA SER B 23 -7.21 -23.85 -71.87
C SER B 23 -6.34 -23.52 -73.08
N GLN B 24 -5.01 -23.53 -72.94
CA GLN B 24 -4.11 -23.09 -73.98
C GLN B 24 -2.81 -23.89 -73.87
N ILE B 25 -2.08 -23.92 -74.99
CA ILE B 25 -0.81 -24.54 -75.02
C ILE B 25 0.17 -23.61 -74.31
N ILE B 26 1.34 -24.15 -74.00
CA ILE B 26 2.43 -23.43 -73.38
C ILE B 26 3.25 -22.76 -74.49
N PHE B 27 3.68 -23.52 -75.51
CA PHE B 27 4.62 -22.98 -76.47
C PHE B 27 4.67 -23.83 -77.77
N GLN B 28 4.90 -23.17 -78.90
CA GLN B 28 5.22 -23.85 -80.14
C GLN B 28 6.71 -23.70 -80.44
N PHE B 29 7.42 -24.83 -80.40
CA PHE B 29 8.81 -24.86 -80.82
C PHE B 29 8.91 -25.09 -82.34
N LYS B 30 9.82 -24.36 -82.97
CA LYS B 30 10.07 -24.38 -84.39
C LYS B 30 11.50 -24.87 -84.60
N ALA B 31 11.67 -25.76 -85.58
CA ALA B 31 12.96 -26.25 -86.02
C ALA B 31 12.98 -26.19 -87.54
N ASN B 32 14.16 -25.84 -88.06
CA ASN B 32 14.45 -25.84 -89.49
C ASN B 32 14.87 -27.24 -89.94
N PRO B 33 14.63 -27.62 -91.22
CA PRO B 33 15.21 -28.85 -91.79
C PRO B 33 16.71 -28.92 -91.45
N PRO B 34 17.23 -30.11 -91.15
CA PRO B 34 16.59 -31.42 -91.30
C PRO B 34 15.63 -31.96 -90.22
N ALA B 35 15.24 -31.09 -89.25
CA ALA B 35 14.33 -31.46 -88.14
C ALA B 35 12.85 -31.45 -88.55
N VAL B 36 12.10 -32.46 -88.08
CA VAL B 36 10.74 -32.71 -88.58
C VAL B 36 9.76 -32.93 -87.41
N THR B 37 10.17 -33.67 -86.36
CA THR B 37 9.31 -33.84 -85.17
C THR B 37 10.08 -33.46 -83.91
N PHE B 38 9.38 -33.43 -82.76
CA PHE B 38 9.96 -33.18 -81.43
C PHE B 38 9.54 -34.21 -80.38
N GLU B 39 10.40 -34.34 -79.38
CA GLU B 39 10.35 -35.34 -78.33
C GLU B 39 10.51 -34.65 -76.95
N LEU B 40 9.62 -35.01 -76.03
CA LEU B 40 9.61 -34.47 -74.69
C LEU B 40 9.98 -35.61 -73.73
N THR B 41 11.00 -35.37 -72.88
CA THR B 41 11.41 -36.32 -71.86
C THR B 41 11.54 -35.58 -70.51
N GLY B 42 11.87 -36.33 -69.45
CA GLY B 42 12.04 -35.80 -68.14
C GLY B 42 10.76 -35.97 -67.32
N GLU B 43 10.52 -35.03 -66.40
CA GLU B 43 9.52 -35.17 -65.37
C GLU B 43 8.12 -34.86 -65.94
N THR B 44 7.68 -35.64 -66.92
CA THR B 44 6.45 -35.28 -67.65
C THR B 44 5.23 -35.64 -66.81
N ASP B 45 5.39 -36.67 -65.95
CA ASP B 45 4.33 -37.13 -65.05
C ASP B 45 3.04 -37.35 -65.85
N ASN B 46 3.16 -37.82 -67.08
CA ASN B 46 2.04 -38.09 -67.96
C ASN B 46 1.03 -36.93 -67.94
N ILE B 47 1.54 -35.69 -67.86
CA ILE B 47 0.75 -34.46 -67.82
C ILE B 47 1.20 -33.55 -68.97
N PHE B 48 2.51 -33.33 -69.05
CA PHE B 48 3.14 -32.51 -70.08
C PHE B 48 3.38 -33.33 -71.35
N VAL B 49 3.04 -32.76 -72.50
CA VAL B 49 3.00 -33.49 -73.76
C VAL B 49 3.60 -32.60 -74.86
N ILE B 50 4.38 -33.19 -75.77
CA ILE B 50 4.70 -32.45 -76.98
C ILE B 50 4.10 -33.19 -78.18
N GLU B 51 3.41 -32.42 -79.00
CA GLU B 51 2.93 -32.89 -80.27
C GLU B 51 4.16 -33.01 -81.19
N ARG B 52 4.05 -33.91 -82.16
CA ARG B 52 5.15 -34.19 -83.02
C ARG B 52 5.54 -32.86 -83.70
N GLU B 53 4.55 -31.98 -83.93
CA GLU B 53 4.76 -30.75 -84.72
C GLU B 53 5.26 -29.56 -83.86
N GLY B 54 5.59 -29.79 -82.58
CA GLY B 54 6.37 -28.84 -81.73
C GLY B 54 5.56 -28.15 -80.64
N LEU B 55 4.36 -28.65 -80.39
CA LEU B 55 3.33 -28.02 -79.60
C LEU B 55 3.41 -28.55 -78.17
N LEU B 56 3.92 -27.76 -77.22
CA LEU B 56 4.13 -28.22 -75.85
C LEU B 56 2.96 -27.73 -75.00
N TYR B 57 2.37 -28.64 -74.22
CA TYR B 57 1.23 -28.26 -73.42
C TYR B 57 1.06 -29.26 -72.29
N TYR B 58 0.10 -28.99 -71.39
CA TYR B 58 -0.23 -29.86 -70.29
C TYR B 58 -1.73 -30.14 -70.35
N ASN B 59 -2.12 -31.29 -69.75
CA ASN B 59 -3.38 -31.93 -70.06
C ASN B 59 -4.25 -32.11 -68.83
N ARG B 60 -4.02 -31.34 -67.78
CA ARG B 60 -4.81 -31.41 -66.54
C ARG B 60 -4.10 -30.56 -65.47
N ALA B 61 -4.85 -30.23 -64.41
CA ALA B 61 -4.40 -29.28 -63.39
C ALA B 61 -3.11 -29.79 -62.76
N LEU B 62 -2.18 -28.86 -62.51
CA LEU B 62 -0.95 -29.16 -61.80
C LEU B 62 -1.25 -29.16 -60.30
N ASP B 63 -0.26 -29.58 -59.52
CA ASP B 63 -0.29 -29.43 -58.05
C ASP B 63 1.13 -29.24 -57.48
N ARG B 64 1.45 -28.01 -57.06
CA ARG B 64 2.76 -27.68 -56.49
C ARG B 64 3.14 -28.61 -55.33
N GLU B 65 2.14 -29.14 -54.60
CA GLU B 65 2.38 -29.94 -53.40
C GLU B 65 2.83 -31.37 -53.81
N THR B 66 2.25 -31.91 -54.90
CA THR B 66 2.76 -33.18 -55.49
C THR B 66 4.10 -33.01 -56.20
N ARG B 67 4.33 -31.85 -56.85
CA ARG B 67 5.63 -31.54 -57.54
C ARG B 67 5.71 -30.04 -57.94
N SER B 68 6.84 -29.39 -57.63
CA SER B 68 6.90 -27.95 -57.61
C SER B 68 7.62 -27.44 -58.86
N THR B 69 8.70 -28.11 -59.26
CA THR B 69 9.31 -27.84 -60.54
C THR B 69 9.30 -29.12 -61.38
N HIS B 70 8.89 -28.99 -62.64
CA HIS B 70 9.00 -30.06 -63.67
C HIS B 70 10.22 -29.76 -64.54
N ASN B 71 11.18 -30.68 -64.55
CA ASN B 71 12.41 -30.57 -65.36
C ASN B 71 12.28 -31.44 -66.60
N LEU B 72 11.91 -30.76 -67.70
CA LEU B 72 11.60 -31.35 -68.98
C LEU B 72 12.80 -31.13 -69.90
N GLN B 73 12.93 -32.05 -70.88
CA GLN B 73 13.81 -31.83 -72.03
C GLN B 73 12.99 -32.00 -73.32
N VAL B 74 13.27 -31.11 -74.26
CA VAL B 74 12.79 -31.18 -75.61
C VAL B 74 13.99 -31.37 -76.55
N ALA B 75 13.89 -32.34 -77.46
CA ALA B 75 14.83 -32.51 -78.59
C ALA B 75 14.06 -32.39 -79.91
N ALA B 76 14.73 -31.94 -80.98
CA ALA B 76 14.25 -32.07 -82.38
C ALA B 76 14.84 -33.32 -83.02
N LEU B 77 13.97 -34.05 -83.75
CA LEU B 77 14.30 -35.27 -84.46
C LEU B 77 14.32 -35.02 -85.98
N ASP B 78 14.78 -36.06 -86.71
CA ASP B 78 14.80 -36.15 -88.19
C ASP B 78 13.85 -37.29 -88.61
N ALA B 79 13.73 -37.55 -89.92
CA ALA B 79 12.74 -38.51 -90.43
C ALA B 79 13.08 -39.93 -89.95
N ASN B 80 14.35 -40.13 -89.57
CA ASN B 80 14.90 -41.43 -89.14
C ASN B 80 14.66 -41.62 -87.64
N GLY B 81 14.55 -40.51 -86.91
CA GLY B 81 14.25 -40.51 -85.46
C GLY B 81 15.46 -40.15 -84.61
N ILE B 82 16.54 -39.67 -85.26
CA ILE B 82 17.79 -39.33 -84.66
C ILE B 82 17.68 -37.88 -84.20
N ILE B 83 18.34 -37.55 -83.07
CA ILE B 83 18.34 -36.21 -82.52
C ILE B 83 19.24 -35.34 -83.41
N VAL B 84 18.77 -34.15 -83.79
CA VAL B 84 19.56 -33.19 -84.58
C VAL B 84 19.71 -31.83 -83.89
N GLU B 85 18.74 -31.48 -83.02
CA GLU B 85 18.91 -30.38 -82.05
C GLU B 85 18.62 -30.91 -80.65
N GLY B 86 19.22 -30.29 -79.61
CA GLY B 86 18.98 -30.64 -78.20
C GLY B 86 19.57 -31.99 -77.84
N PRO B 87 19.07 -32.64 -76.77
CA PRO B 87 17.95 -32.17 -75.96
C PRO B 87 18.33 -30.88 -75.23
N VAL B 88 17.38 -29.96 -75.02
CA VAL B 88 17.64 -28.79 -74.16
C VAL B 88 16.70 -28.86 -72.97
N PRO B 89 17.14 -28.33 -71.82
CA PRO B 89 16.25 -28.19 -70.64
C PRO B 89 15.15 -27.10 -70.74
N ILE B 90 13.90 -27.59 -70.58
CA ILE B 90 12.72 -26.74 -70.45
C ILE B 90 12.24 -26.87 -69.01
N THR B 91 12.08 -25.73 -68.31
CA THR B 91 11.81 -25.73 -66.86
C THR B 91 10.40 -25.22 -66.58
N ILE B 92 9.59 -26.06 -65.94
CA ILE B 92 8.27 -25.59 -65.57
C ILE B 92 8.23 -25.30 -64.06
N LYS B 93 8.06 -24.03 -63.71
CA LYS B 93 7.89 -23.60 -62.32
C LYS B 93 6.40 -23.59 -62.02
N VAL B 94 5.98 -24.40 -61.04
CA VAL B 94 4.58 -24.48 -60.68
C VAL B 94 4.33 -23.43 -59.59
N LYS B 95 3.73 -22.31 -60.00
CA LYS B 95 3.41 -21.21 -59.09
C LYS B 95 2.31 -21.69 -58.14
N ASP B 96 2.53 -21.38 -56.84
CA ASP B 96 1.75 -21.86 -55.74
C ASP B 96 0.49 -20.98 -55.52
N ILE B 97 -0.57 -21.66 -55.09
CA ILE B 97 -1.77 -21.01 -54.56
C ILE B 97 -2.05 -21.61 -53.18
N ASN B 98 -2.86 -20.86 -52.41
CA ASN B 98 -3.19 -21.13 -50.98
C ASN B 98 -4.44 -22.06 -50.93
N ASP B 99 -4.12 -23.36 -51.19
CA ASP B 99 -5.11 -24.43 -51.29
C ASP B 99 -4.99 -25.37 -50.08
N ASN B 100 -4.01 -25.12 -49.19
CA ASN B 100 -3.90 -25.90 -47.93
C ASN B 100 -4.01 -25.03 -46.68
N ARG B 101 -4.88 -25.50 -45.76
CA ARG B 101 -4.98 -25.03 -44.37
C ARG B 101 -3.72 -25.38 -43.58
N PRO B 102 -3.27 -24.51 -42.63
CA PRO B 102 -2.23 -24.88 -41.69
C PRO B 102 -2.85 -25.84 -40.68
N THR B 103 -2.04 -26.76 -40.14
CA THR B 103 -2.53 -27.73 -39.15
C THR B 103 -1.61 -27.76 -37.93
N PHE B 104 -2.16 -27.76 -36.72
CA PHE B 104 -1.34 -27.93 -35.52
C PHE B 104 -1.01 -29.42 -35.39
N LEU B 105 0.24 -29.74 -35.00
CA LEU B 105 0.69 -31.15 -34.86
C LEU B 105 -0.10 -31.90 -33.76
N GLN B 106 -0.70 -31.16 -32.82
CA GLN B 106 -1.52 -31.70 -31.74
C GLN B 106 -2.71 -30.75 -31.53
N SER B 107 -3.83 -31.32 -31.09
CA SER B 107 -5.03 -30.52 -30.82
C SER B 107 -5.03 -30.03 -29.36
N LYS B 108 -4.22 -30.67 -28.51
CA LYS B 108 -4.17 -30.41 -27.06
C LYS B 108 -2.69 -30.35 -26.66
N TYR B 109 -2.31 -29.26 -25.99
CA TYR B 109 -0.94 -29.08 -25.48
C TYR B 109 -0.96 -28.89 -23.95
N GLU B 110 0.15 -29.30 -23.33
CA GLU B 110 0.41 -29.33 -21.86
C GLU B 110 1.77 -28.73 -21.53
N GLY B 111 1.83 -27.69 -20.72
CA GLY B 111 3.13 -27.16 -20.31
C GLY B 111 3.10 -26.69 -18.89
N SER B 112 4.27 -26.36 -18.33
CA SER B 112 4.31 -25.69 -17.03
C SER B 112 5.43 -24.66 -16.94
N VAL B 113 5.20 -23.65 -16.11
CA VAL B 113 6.16 -22.59 -15.89
C VAL B 113 6.22 -22.23 -14.39
N ARG B 114 7.44 -22.00 -13.91
CA ARG B 114 7.67 -21.59 -12.53
C ARG B 114 7.26 -20.12 -12.35
N GLN B 115 6.52 -19.85 -11.26
CA GLN B 115 6.06 -18.49 -10.95
C GLN B 115 7.30 -17.59 -10.78
N ASN B 116 7.15 -16.33 -11.19
CA ASN B 116 8.22 -15.34 -11.10
C ASN B 116 9.44 -15.79 -11.91
N SER B 117 9.27 -16.52 -13.01
CA SER B 117 10.43 -16.76 -13.80
C SER B 117 10.51 -15.69 -14.88
N ARG B 118 11.70 -15.55 -15.46
CA ARG B 118 12.06 -14.60 -16.55
C ARG B 118 10.88 -14.44 -17.52
N PRO B 119 10.27 -13.25 -17.73
CA PRO B 119 9.22 -13.09 -18.72
C PRO B 119 9.86 -13.18 -20.11
N GLY B 120 9.07 -13.54 -21.13
CA GLY B 120 9.57 -13.72 -22.50
C GLY B 120 10.28 -15.05 -22.72
N LYS B 121 10.46 -15.85 -21.67
CA LYS B 121 11.23 -17.09 -21.75
C LYS B 121 10.33 -18.23 -22.20
N PRO B 122 10.64 -18.91 -23.31
CA PRO B 122 9.81 -20.00 -23.77
C PRO B 122 9.79 -21.09 -22.69
N PHE B 123 8.59 -21.61 -22.39
CA PHE B 123 8.46 -22.87 -21.61
C PHE B 123 7.73 -23.97 -22.39
N LEU B 124 6.99 -23.60 -23.44
CA LEU B 124 6.26 -24.53 -24.31
C LEU B 124 6.23 -23.99 -25.74
N TYR B 125 6.34 -24.94 -26.67
CA TYR B 125 6.24 -24.67 -28.11
C TYR B 125 4.97 -25.30 -28.67
N VAL B 126 4.14 -24.53 -29.38
CA VAL B 126 3.11 -25.12 -30.27
C VAL B 126 3.61 -25.03 -31.73
N ASN B 127 3.70 -26.17 -32.42
CA ASN B 127 4.17 -26.19 -33.84
C ASN B 127 2.97 -26.55 -34.77
N ALA B 128 2.77 -25.74 -35.81
CA ALA B 128 1.87 -26.09 -36.97
C ALA B 128 2.63 -26.11 -38.29
N THR B 129 2.07 -26.81 -39.28
CA THR B 129 2.64 -27.00 -40.65
C THR B 129 1.62 -26.58 -41.73
N ASP B 130 2.13 -26.14 -42.89
CA ASP B 130 1.31 -25.76 -44.05
C ASP B 130 1.99 -26.24 -45.35
N LEU B 131 1.29 -27.10 -46.11
CA LEU B 131 1.94 -27.84 -47.22
C LEU B 131 2.31 -26.91 -48.39
N ASP B 132 1.73 -25.70 -48.41
CA ASP B 132 2.03 -24.64 -49.38
C ASP B 132 3.47 -24.11 -49.17
N ASP B 133 3.81 -23.11 -49.98
CA ASP B 133 5.20 -22.69 -50.19
C ASP B 133 5.58 -21.73 -49.07
N PRO B 134 6.55 -22.12 -48.21
CA PRO B 134 7.11 -21.22 -47.21
C PRO B 134 7.53 -19.85 -47.76
N ALA B 135 7.96 -19.81 -49.04
CA ALA B 135 8.54 -18.58 -49.59
C ALA B 135 7.45 -17.58 -50.01
N THR B 136 6.18 -17.83 -49.65
CA THR B 136 5.02 -17.05 -50.12
C THR B 136 4.04 -16.89 -48.95
N PRO B 137 3.22 -15.82 -48.91
CA PRO B 137 2.26 -15.70 -47.83
C PRO B 137 1.46 -17.01 -47.62
N ASN B 138 1.18 -17.76 -48.68
CA ASN B 138 0.30 -18.95 -48.64
C ASN B 138 0.74 -20.01 -47.60
N GLY B 139 2.05 -20.07 -47.33
CA GLY B 139 2.64 -21.05 -46.40
C GLY B 139 3.47 -20.41 -45.28
N GLN B 140 3.16 -19.16 -44.95
CA GLN B 140 3.84 -18.35 -43.91
C GLN B 140 2.85 -18.15 -42.74
N LEU B 141 3.19 -18.74 -41.60
CA LEU B 141 2.27 -18.91 -40.47
C LEU B 141 2.39 -17.77 -39.43
N TYR B 142 1.25 -17.47 -38.79
CA TYR B 142 1.17 -16.42 -37.79
C TYR B 142 0.31 -16.87 -36.61
N TYR B 143 0.96 -17.04 -35.45
CA TYR B 143 0.29 -17.50 -34.23
C TYR B 143 -0.19 -16.31 -33.38
N GLN B 144 -1.13 -16.57 -32.50
CA GLN B 144 -1.86 -15.53 -31.81
C GLN B 144 -2.73 -16.19 -30.71
N ILE B 145 -2.86 -15.53 -29.56
CA ILE B 145 -3.69 -16.06 -28.48
C ILE B 145 -5.10 -15.60 -28.72
N VAL B 146 -6.03 -16.53 -28.58
CA VAL B 146 -7.40 -16.18 -28.81
C VAL B 146 -7.98 -15.72 -27.49
N ILE B 147 -7.74 -16.53 -26.47
CA ILE B 147 -8.23 -16.22 -25.15
C ILE B 147 -7.31 -16.89 -24.13
N GLN B 148 -7.23 -16.26 -22.96
CA GLN B 148 -6.61 -16.82 -21.82
C GLN B 148 -7.73 -16.95 -20.79
N LEU B 149 -7.82 -18.16 -20.22
CA LEU B 149 -8.85 -18.52 -19.27
C LEU B 149 -8.20 -19.15 -18.02
N PRO B 150 -8.40 -18.57 -16.81
CA PRO B 150 -9.15 -17.33 -16.64
C PRO B 150 -8.28 -16.09 -16.90
N MET B 151 -8.90 -14.92 -16.91
CA MET B 151 -8.18 -13.69 -17.12
C MET B 151 -8.61 -12.63 -16.08
N ILE B 152 -7.61 -12.15 -15.33
CA ILE B 152 -7.81 -11.27 -14.16
C ILE B 152 -7.66 -9.81 -14.60
N ASN B 153 -8.77 -9.07 -14.61
CA ASN B 153 -8.76 -7.63 -14.82
C ASN B 153 -8.20 -7.25 -16.18
N ASN B 154 -8.55 -7.99 -17.22
CA ASN B 154 -8.12 -7.69 -18.59
C ASN B 154 -6.58 -7.64 -18.65
N VAL B 155 -5.89 -8.59 -17.98
CA VAL B 155 -4.41 -8.54 -17.93
C VAL B 155 -3.87 -9.85 -18.49
N MET B 156 -2.96 -9.74 -19.46
CA MET B 156 -2.46 -10.92 -20.10
C MET B 156 -1.23 -11.41 -19.35
N TYR B 157 -1.34 -12.64 -18.81
CA TYR B 157 -0.24 -13.34 -18.10
C TYR B 157 0.61 -14.16 -19.08
N PHE B 158 0.06 -14.49 -20.24
CA PHE B 158 0.85 -15.22 -21.23
C PHE B 158 0.86 -14.51 -22.58
N GLN B 159 1.92 -14.80 -23.33
CA GLN B 159 2.03 -14.32 -24.71
C GLN B 159 2.65 -15.41 -25.60
N ILE B 160 2.55 -15.18 -26.91
CA ILE B 160 3.05 -16.12 -27.92
C ILE B 160 3.75 -15.33 -29.03
N ASN B 161 4.89 -15.85 -29.42
CA ASN B 161 5.73 -15.35 -30.50
C ASN B 161 5.05 -15.64 -31.85
N ASN B 162 4.66 -14.58 -32.58
CA ASN B 162 3.72 -14.68 -33.68
C ASN B 162 4.32 -15.53 -34.82
N LYS B 163 5.65 -15.59 -34.91
CA LYS B 163 6.33 -16.42 -35.90
C LYS B 163 6.62 -17.81 -35.34
N THR B 164 7.25 -17.89 -34.17
CA THR B 164 7.95 -19.14 -33.75
C THR B 164 7.06 -20.09 -32.95
N GLY B 165 5.96 -19.60 -32.38
CA GLY B 165 4.98 -20.42 -31.64
C GLY B 165 5.33 -20.62 -30.17
N ALA B 166 6.45 -20.03 -29.76
CA ALA B 166 6.95 -19.99 -28.40
C ALA B 166 5.95 -19.25 -27.51
N ILE B 167 5.53 -19.93 -26.44
CA ILE B 167 4.71 -19.36 -25.38
C ILE B 167 5.60 -19.06 -24.16
N SER B 168 5.40 -17.86 -23.60
CA SER B 168 6.13 -17.39 -22.41
C SER B 168 5.18 -16.59 -21.51
N LEU B 169 5.68 -16.25 -20.30
CA LEU B 169 4.97 -15.28 -19.45
C LEU B 169 5.23 -13.87 -19.99
N THR B 170 4.18 -13.03 -19.90
CA THR B 170 4.37 -11.59 -19.91
C THR B 170 5.06 -11.14 -18.59
N ARG B 171 5.50 -9.87 -18.60
CA ARG B 171 5.99 -9.15 -17.43
C ARG B 171 4.98 -9.42 -16.31
N GLU B 172 3.71 -9.07 -16.56
CA GLU B 172 2.70 -9.12 -15.52
C GLU B 172 2.49 -10.56 -15.01
N GLY B 173 2.72 -11.59 -15.84
CA GLY B 173 2.55 -12.99 -15.40
C GLY B 173 3.64 -13.34 -14.42
N SER B 174 4.87 -13.13 -14.84
CA SER B 174 6.04 -13.18 -13.99
C SER B 174 5.73 -12.65 -12.58
N GLN B 175 5.11 -11.46 -12.51
CA GLN B 175 4.94 -10.70 -11.24
C GLN B 175 3.69 -11.14 -10.45
N GLU B 176 2.51 -11.21 -11.09
CA GLU B 176 1.23 -11.33 -10.37
C GLU B 176 0.68 -12.76 -10.37
N LEU B 177 1.24 -13.66 -11.19
CA LEU B 177 0.68 -15.02 -11.29
C LEU B 177 0.85 -15.69 -9.92
N ASN B 178 -0.27 -15.99 -9.24
CA ASN B 178 -0.21 -16.64 -7.95
C ASN B 178 -0.83 -18.05 -7.97
N PRO B 179 0.04 -19.08 -7.98
CA PRO B 179 -0.38 -20.47 -7.89
C PRO B 179 -1.24 -20.90 -6.72
N ALA B 180 -1.31 -20.09 -5.66
CA ALA B 180 -2.16 -20.36 -4.52
C ALA B 180 -3.62 -20.08 -4.92
N LYS B 181 -3.83 -18.90 -5.53
CA LYS B 181 -5.15 -18.40 -5.88
C LYS B 181 -5.67 -19.16 -7.10
N ASN B 182 -4.72 -19.57 -7.97
CA ASN B 182 -5.02 -19.95 -9.35
C ASN B 182 -3.77 -20.59 -9.96
N PRO B 183 -3.57 -21.91 -9.86
CA PRO B 183 -2.38 -22.55 -10.46
C PRO B 183 -2.43 -22.87 -11.97
N SER B 184 -3.60 -22.66 -12.58
CA SER B 184 -4.02 -23.46 -13.73
C SER B 184 -4.73 -22.61 -14.80
N TYR B 185 -4.13 -22.53 -16.00
CA TYR B 185 -4.60 -21.65 -17.06
C TYR B 185 -4.74 -22.41 -18.40
N ASN B 186 -5.80 -22.07 -19.16
CA ASN B 186 -6.05 -22.55 -20.56
C ASN B 186 -5.78 -21.40 -21.52
N LEU B 187 -5.02 -21.69 -22.57
CA LEU B 187 -4.87 -20.79 -23.71
C LEU B 187 -5.47 -21.44 -24.95
N VAL B 188 -6.32 -20.72 -25.69
CA VAL B 188 -6.69 -21.10 -27.08
C VAL B 188 -5.80 -20.31 -28.05
N ILE B 189 -5.07 -21.07 -28.90
CA ILE B 189 -4.06 -20.53 -29.81
C ILE B 189 -4.55 -20.69 -31.25
N SER B 190 -4.44 -19.63 -32.06
CA SER B 190 -4.82 -19.64 -33.44
C SER B 190 -3.57 -19.47 -34.31
N VAL B 191 -3.55 -20.19 -35.45
CA VAL B 191 -2.53 -20.05 -36.47
C VAL B 191 -3.26 -19.71 -37.77
N LYS B 192 -2.64 -18.80 -38.52
CA LYS B 192 -3.18 -18.32 -39.75
C LYS B 192 -2.06 -18.36 -40.79
N ASP B 193 -2.41 -18.72 -42.04
CA ASP B 193 -1.51 -18.51 -43.17
C ASP B 193 -1.76 -17.08 -43.67
N MET B 194 -1.02 -16.73 -44.74
CA MET B 194 -1.03 -15.43 -45.33
C MET B 194 -0.38 -14.44 -44.36
N GLY B 195 0.49 -14.98 -43.49
CA GLY B 195 1.06 -14.23 -42.37
C GLY B 195 0.03 -13.52 -41.49
N GLY B 196 -1.22 -13.99 -41.48
CA GLY B 196 -2.33 -13.38 -40.73
C GLY B 196 -2.92 -12.14 -41.37
N GLN B 197 -2.28 -11.66 -42.43
CA GLN B 197 -2.54 -10.30 -42.95
C GLN B 197 -3.81 -10.28 -43.82
N SER B 198 -4.34 -11.44 -44.19
CA SER B 198 -5.52 -11.48 -45.07
C SER B 198 -6.72 -12.07 -44.32
N GLU B 199 -7.89 -11.45 -44.55
CA GLU B 199 -9.14 -11.95 -44.03
C GLU B 199 -9.59 -13.20 -44.79
N ASN B 200 -8.86 -13.59 -45.86
CA ASN B 200 -9.15 -14.83 -46.59
C ASN B 200 -8.27 -15.99 -46.09
N SER B 201 -7.34 -15.74 -45.19
CA SER B 201 -6.44 -16.80 -44.77
C SER B 201 -7.19 -17.95 -44.10
N PHE B 202 -6.53 -19.11 -44.14
CA PHE B 202 -6.96 -20.31 -43.49
C PHE B 202 -6.38 -20.39 -42.07
N SER B 203 -7.18 -20.94 -41.16
CA SER B 203 -6.93 -20.90 -39.73
C SER B 203 -7.04 -22.32 -39.17
N ASP B 204 -6.24 -22.61 -38.13
CA ASP B 204 -6.44 -23.74 -37.19
C ASP B 204 -6.27 -23.24 -35.74
N THR B 205 -6.77 -24.02 -34.78
CA THR B 205 -6.75 -23.69 -33.42
C THR B 205 -6.29 -24.90 -32.62
N THR B 206 -5.76 -24.63 -31.42
CA THR B 206 -5.41 -25.65 -30.45
C THR B 206 -5.67 -25.12 -29.03
N SER B 207 -5.70 -26.08 -28.09
CA SER B 207 -5.89 -25.87 -26.64
C SER B 207 -4.54 -26.05 -25.93
N VAL B 208 -4.22 -25.10 -25.02
CA VAL B 208 -3.02 -25.19 -24.20
C VAL B 208 -3.38 -25.11 -22.70
N ASP B 209 -3.12 -26.22 -21.99
CA ASP B 209 -3.23 -26.35 -20.56
C ASP B 209 -1.85 -26.07 -19.94
N ILE B 210 -1.82 -25.12 -19.00
CA ILE B 210 -0.64 -24.66 -18.31
C ILE B 210 -0.87 -24.78 -16.81
N ILE B 211 0.06 -25.46 -16.14
CA ILE B 211 0.20 -25.43 -14.69
C ILE B 211 1.36 -24.50 -14.34
N VAL B 212 1.14 -23.57 -13.41
CA VAL B 212 2.20 -22.72 -12.91
C VAL B 212 2.70 -23.29 -11.58
N THR B 213 3.97 -23.72 -11.52
CA THR B 213 4.58 -24.22 -10.27
C THR B 213 4.95 -23.07 -9.31
N GLU B 214 4.83 -23.36 -8.01
CA GLU B 214 5.16 -22.52 -6.82
C GLU B 214 6.62 -22.07 -6.87
N ASN B 215 6.86 -20.83 -6.40
CA ASN B 215 8.20 -20.28 -6.16
C ASN B 215 8.40 -20.09 -4.64
N ILE B 216 9.40 -20.76 -4.05
CA ILE B 216 9.69 -20.58 -2.65
C ILE B 216 10.90 -19.65 -2.48
N TRP B 217 11.38 -19.05 -3.56
CA TRP B 217 12.44 -18.06 -3.48
C TRP B 217 11.81 -16.66 -3.39
N LYS B 218 11.55 -16.21 -2.15
CA LYS B 218 11.05 -14.86 -1.92
C LYS B 218 11.80 -14.18 -0.78
N ALA B 219 11.83 -12.85 -0.87
CA ALA B 219 12.35 -11.98 0.21
C ALA B 219 11.59 -12.29 1.49
N PRO B 220 12.31 -12.53 2.60
CA PRO B 220 11.67 -12.84 3.87
C PRO B 220 11.18 -11.53 4.47
N LYS B 221 10.30 -11.68 5.46
CA LYS B 221 9.87 -10.56 6.30
C LYS B 221 11.08 -9.95 7.00
N PRO B 222 11.10 -8.58 7.06
CA PRO B 222 12.15 -7.84 7.75
C PRO B 222 12.34 -8.33 9.19
N VAL B 223 13.60 -8.34 9.61
CA VAL B 223 14.04 -8.88 10.89
C VAL B 223 14.26 -7.70 11.87
N GLU B 224 13.85 -7.93 13.13
CA GLU B 224 14.29 -7.16 14.29
C GLU B 224 15.24 -8.02 15.15
N MET B 225 16.47 -7.53 15.36
CA MET B 225 17.51 -8.19 16.23
C MET B 225 17.92 -7.23 17.38
N VAL B 226 17.85 -7.69 18.62
CA VAL B 226 18.33 -6.88 19.77
C VAL B 226 19.86 -6.71 19.64
N GLU B 227 20.34 -5.52 19.96
CA GLU B 227 21.76 -5.28 20.10
C GLU B 227 22.23 -5.90 21.40
N ASN B 228 23.54 -6.09 21.44
CA ASN B 228 24.23 -6.60 22.61
C ASN B 228 23.75 -8.02 23.00
N SER B 229 23.42 -8.88 22.03
CA SER B 229 23.00 -10.25 22.37
C SER B 229 24.10 -10.88 23.21
N THR B 230 23.68 -11.45 24.34
CA THR B 230 24.58 -12.13 25.28
C THR B 230 24.61 -13.63 24.95
N ASP B 231 23.80 -14.04 23.96
CA ASP B 231 23.62 -15.43 23.49
C ASP B 231 24.78 -15.87 22.61
N PRO B 232 24.99 -17.18 22.43
CA PRO B 232 26.12 -17.66 21.65
C PRO B 232 25.87 -17.46 20.16
N HIS B 233 26.90 -16.94 19.47
CA HIS B 233 26.82 -16.59 18.02
C HIS B 233 27.58 -17.63 17.20
N PRO B 234 27.18 -17.88 15.95
CA PRO B 234 26.17 -17.08 15.24
C PRO B 234 24.70 -17.50 15.57
N ILE B 235 23.77 -16.54 15.33
CA ILE B 235 22.36 -16.75 15.62
C ILE B 235 21.55 -16.67 14.33
N LYS B 236 20.75 -17.72 14.07
CA LYS B 236 19.79 -17.73 12.98
C LYS B 236 18.82 -16.58 13.17
N ILE B 237 18.62 -15.76 12.12
CA ILE B 237 17.68 -14.64 12.18
C ILE B 237 16.62 -14.71 11.06
N THR B 238 16.89 -15.42 9.96
CA THR B 238 15.94 -15.53 8.88
C THR B 238 16.48 -16.57 7.92
N GLN B 239 15.80 -16.74 6.78
CA GLN B 239 16.17 -17.76 5.83
C GLN B 239 15.55 -17.50 4.45
N VAL B 240 16.22 -18.08 3.45
CA VAL B 240 15.81 -18.08 2.11
C VAL B 240 15.98 -19.53 1.60
N ARG B 241 15.19 -19.91 0.59
CA ARG B 241 15.26 -21.27 -0.03
C ARG B 241 15.11 -21.16 -1.54
N TRP B 242 16.04 -21.76 -2.28
CA TRP B 242 15.84 -21.93 -3.72
C TRP B 242 14.92 -23.14 -3.97
N ASN B 243 14.24 -23.13 -5.12
CA ASN B 243 13.20 -24.15 -5.50
C ASN B 243 13.83 -25.56 -5.60
N ASP B 244 15.09 -25.61 -6.08
CA ASP B 244 15.80 -26.86 -6.26
C ASP B 244 16.90 -27.00 -5.21
N PRO B 245 17.33 -28.24 -4.90
CA PRO B 245 18.57 -28.42 -4.14
C PRO B 245 19.79 -28.03 -4.99
N GLY B 246 20.95 -27.95 -4.32
CA GLY B 246 22.25 -27.69 -4.97
C GLY B 246 22.57 -26.22 -5.26
N ALA B 247 21.65 -25.30 -4.84
CA ALA B 247 21.89 -23.87 -4.93
C ALA B 247 23.12 -23.52 -4.07
N GLN B 248 23.81 -22.44 -4.48
CA GLN B 248 25.03 -21.94 -3.86
C GLN B 248 24.72 -20.55 -3.28
N TYR B 249 24.52 -20.52 -1.96
CA TYR B 249 23.93 -19.40 -1.36
C TYR B 249 25.06 -18.45 -0.98
N SER B 250 24.87 -17.17 -1.22
CA SER B 250 25.84 -16.18 -0.94
C SER B 250 25.11 -14.95 -0.42
N LEU B 251 25.90 -14.00 0.07
CA LEU B 251 25.41 -12.78 0.68
C LEU B 251 26.20 -11.65 0.00
N VAL B 252 25.53 -10.53 -0.30
CA VAL B 252 26.18 -9.39 -0.90
C VAL B 252 25.80 -8.15 -0.10
N ASP B 253 26.85 -7.46 0.38
CA ASP B 253 26.76 -6.22 1.11
C ASP B 253 26.95 -5.05 0.14
N LYS B 254 25.89 -4.24 -0.03
CA LYS B 254 25.97 -3.10 -0.95
C LYS B 254 26.81 -1.99 -0.30
N GLU B 255 26.52 -1.68 0.98
CA GLU B 255 27.18 -0.57 1.70
C GLU B 255 28.71 -0.83 1.78
N LYS B 256 29.12 -2.07 1.54
CA LYS B 256 30.53 -2.51 1.60
C LYS B 256 31.19 -2.00 2.90
N LEU B 257 30.56 -2.33 4.04
CA LEU B 257 30.95 -1.86 5.38
C LEU B 257 32.29 -2.46 5.76
N PRO B 258 33.03 -1.80 6.71
CA PRO B 258 34.28 -2.36 7.21
C PRO B 258 34.02 -3.70 7.91
N ARG B 259 33.06 -3.73 8.84
CA ARG B 259 32.65 -4.94 9.55
C ARG B 259 31.23 -5.36 9.15
N PHE B 260 31.13 -6.51 8.44
CA PHE B 260 29.85 -7.03 7.99
C PHE B 260 29.47 -8.26 8.81
N PRO B 261 28.55 -8.09 9.79
CA PRO B 261 28.27 -9.12 10.79
C PRO B 261 27.14 -10.13 10.50
N PHE B 262 26.99 -10.48 9.21
CA PHE B 262 26.04 -11.53 8.79
C PHE B 262 26.73 -12.57 7.92
N SER B 263 26.16 -13.78 7.91
CA SER B 263 26.61 -14.88 7.06
C SER B 263 25.43 -15.71 6.56
N ILE B 264 25.65 -16.55 5.54
CA ILE B 264 24.63 -17.49 5.07
C ILE B 264 25.28 -18.86 4.88
N ASP B 265 24.53 -19.92 5.23
CA ASP B 265 25.02 -21.29 5.11
C ASP B 265 24.40 -21.90 3.85
N GLN B 266 24.70 -23.17 3.64
CA GLN B 266 24.41 -23.80 2.41
C GLN B 266 22.95 -24.28 2.38
N GLU B 267 22.24 -24.30 3.51
CA GLU B 267 20.81 -24.58 3.48
C GLU B 267 20.00 -23.32 3.14
N GLY B 268 20.63 -22.13 3.15
CA GLY B 268 19.92 -20.85 2.90
C GLY B 268 19.61 -20.06 4.20
N ASP B 269 20.12 -20.54 5.32
CA ASP B 269 19.88 -19.96 6.59
C ASP B 269 20.81 -18.75 6.74
N ILE B 270 20.24 -17.63 7.23
CA ILE B 270 20.93 -16.37 7.39
C ILE B 270 21.16 -16.10 8.89
N TYR B 271 22.42 -15.84 9.21
CA TYR B 271 22.92 -15.73 10.56
C TYR B 271 23.36 -14.30 10.82
N VAL B 272 23.29 -13.92 12.10
CA VAL B 272 24.05 -12.79 12.60
C VAL B 272 25.29 -13.33 13.32
N THR B 273 26.41 -12.71 12.98
CA THR B 273 27.75 -13.25 13.25
C THR B 273 28.29 -12.79 14.62
N GLN B 274 27.80 -11.64 15.12
CA GLN B 274 28.37 -10.88 16.25
C GLN B 274 27.27 -10.08 16.93
N PRO B 275 27.54 -9.52 18.14
CA PRO B 275 26.66 -8.52 18.71
C PRO B 275 26.63 -7.25 17.85
N LEU B 276 25.42 -6.73 17.72
CA LEU B 276 25.19 -5.51 17.08
C LEU B 276 25.17 -4.44 18.18
N ASP B 277 25.26 -3.18 17.75
CA ASP B 277 25.21 -2.03 18.56
C ASP B 277 24.39 -0.96 17.85
N ARG B 278 23.18 -0.68 18.34
CA ARG B 278 22.33 0.37 17.74
C ARG B 278 23.14 1.66 17.55
N GLU B 279 24.01 1.95 18.53
CA GLU B 279 24.67 3.22 18.68
C GLU B 279 25.81 3.38 17.66
N GLU B 280 26.33 2.30 17.08
CA GLU B 280 27.24 2.48 15.89
C GLU B 280 26.43 2.30 14.62
N LYS B 281 25.39 1.45 14.62
CA LYS B 281 24.70 1.07 13.39
C LYS B 281 23.30 0.48 13.65
N ASP B 282 22.35 1.19 13.06
CA ASP B 282 20.94 1.27 13.41
C ASP B 282 20.15 0.18 12.66
N ALA B 283 20.58 -0.08 11.42
CA ALA B 283 19.89 -0.95 10.49
C ALA B 283 20.87 -1.42 9.42
N TYR B 284 20.52 -2.53 8.79
CA TYR B 284 21.30 -3.10 7.73
C TYR B 284 20.37 -3.50 6.58
N VAL B 285 20.89 -3.43 5.35
CA VAL B 285 20.31 -4.04 4.16
C VAL B 285 21.42 -4.73 3.40
N PHE B 286 21.11 -5.95 2.96
CA PHE B 286 21.98 -6.73 2.10
C PHE B 286 21.10 -7.68 1.26
N TYR B 287 21.74 -8.47 0.38
CA TYR B 287 21.06 -9.28 -0.57
C TYR B 287 21.53 -10.71 -0.43
N ALA B 288 20.57 -11.64 -0.44
CA ALA B 288 20.85 -13.07 -0.58
C ALA B 288 20.70 -13.45 -2.05
N VAL B 289 21.62 -14.29 -2.51
CA VAL B 289 21.82 -14.63 -3.87
C VAL B 289 21.90 -16.15 -3.96
N ALA B 290 21.24 -16.70 -4.97
CA ALA B 290 21.32 -18.12 -5.33
C ALA B 290 22.10 -18.27 -6.65
N LYS B 291 23.00 -19.25 -6.72
CA LYS B 291 23.78 -19.55 -7.91
C LYS B 291 23.76 -21.07 -8.14
N ASP B 292 23.85 -21.51 -9.41
CA ASP B 292 24.15 -22.92 -9.77
C ASP B 292 25.66 -23.13 -9.66
N GLU B 293 26.10 -24.39 -9.81
CA GLU B 293 27.47 -24.83 -9.51
C GLU B 293 28.48 -24.24 -10.51
N TYR B 294 28.04 -23.31 -11.38
CA TYR B 294 29.00 -22.68 -12.28
C TYR B 294 29.09 -21.17 -12.02
N GLY B 295 28.08 -20.59 -11.38
CA GLY B 295 28.10 -19.19 -10.93
C GLY B 295 26.98 -18.35 -11.54
N LYS B 296 25.89 -19.00 -11.95
CA LYS B 296 24.86 -18.27 -12.66
C LYS B 296 23.74 -17.93 -11.67
N PRO B 297 23.46 -16.61 -11.53
CA PRO B 297 22.31 -16.17 -10.74
C PRO B 297 21.14 -17.07 -11.10
N LEU B 298 20.92 -18.07 -10.26
CA LEU B 298 19.73 -18.87 -10.32
C LEU B 298 18.50 -17.96 -10.40
N SER B 299 18.53 -16.74 -9.83
CA SER B 299 17.42 -15.79 -10.02
C SER B 299 17.83 -14.37 -9.64
N TYR B 300 16.85 -13.53 -9.39
CA TYR B 300 17.13 -12.19 -8.86
C TYR B 300 17.67 -12.34 -7.42
N PRO B 301 18.53 -11.41 -6.93
CA PRO B 301 18.79 -11.28 -5.50
C PRO B 301 17.55 -10.94 -4.69
N LEU B 302 17.65 -11.23 -3.39
CA LEU B 302 16.62 -11.10 -2.38
C LEU B 302 17.09 -10.10 -1.31
N GLU B 303 16.22 -9.15 -1.01
CA GLU B 303 16.50 -8.02 -0.14
C GLU B 303 16.18 -8.43 1.30
N ILE B 304 17.22 -8.31 2.17
CA ILE B 304 17.17 -8.64 3.59
C ILE B 304 17.30 -7.35 4.41
N HIS B 305 16.38 -7.16 5.36
CA HIS B 305 16.35 -5.97 6.20
C HIS B 305 16.53 -6.39 7.66
N VAL B 306 17.53 -5.78 8.36
CA VAL B 306 17.71 -6.07 9.76
C VAL B 306 17.68 -4.75 10.54
N LYS B 307 16.64 -4.63 11.37
CA LYS B 307 16.46 -3.52 12.31
C LYS B 307 17.14 -3.89 13.62
N VAL B 308 17.97 -2.99 14.16
CA VAL B 308 18.70 -3.22 15.41
C VAL B 308 17.89 -2.62 16.57
N LYS B 309 17.22 -3.46 17.36
CA LYS B 309 16.40 -2.97 18.47
C LYS B 309 17.32 -2.46 19.62
N ASP B 310 16.97 -1.31 20.20
CA ASP B 310 17.73 -0.65 21.28
C ASP B 310 17.51 -1.40 22.61
N ILE B 311 18.60 -1.50 23.38
CA ILE B 311 18.53 -1.72 24.80
C ILE B 311 19.21 -0.53 25.49
N ASN B 312 18.87 -0.36 26.78
CA ASN B 312 19.48 0.66 27.67
C ASN B 312 20.88 0.21 28.07
N ASP B 313 21.88 0.58 27.27
CA ASP B 313 23.24 0.09 27.45
C ASP B 313 24.24 1.27 27.56
N ASN B 314 23.75 2.51 27.50
CA ASN B 314 24.55 3.71 27.84
C ASN B 314 23.89 4.48 28.99
N PRO B 315 24.71 4.88 30.00
CA PRO B 315 24.23 5.68 31.13
C PRO B 315 24.27 7.16 30.80
N PRO B 316 23.50 8.00 31.51
CA PRO B 316 23.51 9.44 31.24
C PRO B 316 24.91 9.99 31.55
N THR B 317 25.26 11.00 30.77
CA THR B 317 26.53 11.60 30.70
C THR B 317 26.43 13.08 31.14
N CYS B 318 27.54 13.70 31.57
CA CYS B 318 27.47 15.14 32.00
C CYS B 318 27.91 16.03 30.87
N PRO B 319 27.32 17.24 30.74
CA PRO B 319 27.70 18.14 29.66
C PRO B 319 29.14 18.63 29.82
N SER B 320 29.73 18.44 31.01
CA SER B 320 31.15 18.78 31.31
C SER B 320 31.43 18.49 32.79
N PRO B 321 32.69 18.27 33.21
CA PRO B 321 32.96 17.88 34.59
C PRO B 321 32.28 18.79 35.64
N VAL B 322 32.27 20.11 35.38
CA VAL B 322 31.61 21.07 36.25
C VAL B 322 30.89 22.09 35.38
N THR B 323 29.60 22.29 35.62
CA THR B 323 28.80 23.26 34.87
C THR B 323 28.61 24.49 35.77
N VAL B 324 28.97 25.68 35.27
CA VAL B 324 29.02 26.90 36.06
C VAL B 324 27.92 27.90 35.65
N PHE B 325 27.13 28.32 36.66
CA PHE B 325 26.14 29.39 36.51
C PHE B 325 26.37 30.50 37.56
N GLU B 326 25.96 31.71 37.18
CA GLU B 326 26.12 32.90 37.99
C GLU B 326 24.74 33.42 38.38
N VAL B 327 24.60 33.78 39.66
CA VAL B 327 23.40 34.36 40.19
C VAL B 327 23.73 35.66 40.92
N GLN B 328 22.89 36.67 40.66
CA GLN B 328 22.95 37.97 41.28
C GLN B 328 22.16 37.96 42.59
N GLU B 329 22.50 38.90 43.47
CA GLU B 329 21.90 38.93 44.81
C GLU B 329 20.48 39.49 44.68
N ASN B 330 20.25 40.34 43.68
CA ASN B 330 18.93 40.91 43.50
C ASN B 330 17.97 39.85 42.93
N GLU B 331 18.46 38.64 42.56
CA GLU B 331 17.55 37.58 42.03
C GLU B 331 16.82 36.99 43.23
N ARG B 332 15.50 36.76 43.04
CA ARG B 332 14.55 36.42 44.09
C ARG B 332 13.98 35.02 43.83
N LEU B 333 13.17 34.54 44.77
CA LEU B 333 12.49 33.26 44.73
C LEU B 333 12.09 32.91 43.30
N GLY B 334 12.49 31.73 42.87
CA GLY B 334 12.08 31.16 41.64
C GLY B 334 12.84 31.69 40.43
N ASN B 335 13.76 32.66 40.56
CA ASN B 335 14.46 33.07 39.30
C ASN B 335 15.24 31.85 38.76
N SER B 336 15.06 31.62 37.47
CA SER B 336 15.76 30.68 36.64
C SER B 336 17.26 31.06 36.52
N ILE B 337 18.09 30.03 36.79
CA ILE B 337 19.53 30.08 36.89
C ILE B 337 20.20 29.57 35.61
N GLY B 338 19.80 28.36 35.19
CA GLY B 338 20.47 27.70 34.12
C GLY B 338 19.91 26.30 33.90
N THR B 339 20.22 25.73 32.74
CA THR B 339 19.77 24.38 32.41
C THR B 339 20.98 23.47 32.22
N LEU B 340 20.95 22.37 32.98
CA LEU B 340 21.87 21.28 32.86
C LEU B 340 21.28 20.30 31.86
N THR B 341 21.97 20.08 30.74
CA THR B 341 21.48 19.11 29.75
C THR B 341 22.55 18.02 29.60
N ALA B 342 22.24 16.89 30.26
CA ALA B 342 22.98 15.65 30.15
C ALA B 342 22.64 14.96 28.82
N HIS B 343 23.47 13.98 28.40
CA HIS B 343 23.24 13.24 27.14
CA HIS B 343 23.26 13.26 27.16
C HIS B 343 23.19 11.75 27.45
N ASP B 344 22.40 11.04 26.64
CA ASP B 344 22.25 9.58 26.65
C ASP B 344 22.38 9.15 25.19
N ARG B 345 23.23 8.17 24.92
CA ARG B 345 23.46 7.70 23.54
C ARG B 345 22.33 6.78 23.06
N ASP B 346 21.50 6.24 23.96
CA ASP B 346 20.46 5.26 23.59
C ASP B 346 19.39 5.97 22.73
N GLU B 347 18.28 5.31 22.41
CA GLU B 347 17.47 5.75 21.28
C GLU B 347 16.60 6.92 21.73
N GLU B 348 16.69 8.04 20.99
CA GLU B 348 15.84 9.22 21.16
C GLU B 348 14.41 8.79 21.45
N ASN B 349 13.67 9.61 22.18
CA ASN B 349 12.23 9.51 22.32
C ASN B 349 11.79 8.12 22.77
N THR B 350 12.70 7.39 23.41
CA THR B 350 12.36 6.18 24.17
C THR B 350 12.76 6.35 25.64
N ALA B 351 12.28 5.41 26.48
CA ALA B 351 12.58 5.37 27.92
C ALA B 351 14.08 5.13 28.18
N ASN B 352 14.82 4.74 27.12
CA ASN B 352 16.24 4.40 27.28
C ASN B 352 17.07 5.67 27.44
N SER B 353 16.56 6.77 26.88
CA SER B 353 17.30 8.02 26.77
C SER B 353 16.60 9.17 27.50
N PHE B 354 15.52 8.88 28.23
CA PHE B 354 14.63 9.89 28.78
C PHE B 354 15.06 10.27 30.20
N LEU B 355 15.86 11.32 30.30
CA LEU B 355 16.55 11.69 31.57
C LEU B 355 15.61 12.40 32.55
N ASN B 356 15.79 12.09 33.84
CA ASN B 356 15.21 12.93 34.94
C ASN B 356 16.30 13.35 35.93
N TYR B 357 16.00 14.45 36.64
CA TYR B 357 16.98 15.20 37.43
C TYR B 357 16.52 15.35 38.88
N ARG B 358 17.43 15.11 39.83
CA ARG B 358 17.19 15.34 41.27
C ARG B 358 18.43 16.01 41.87
N ILE B 359 18.21 17.03 42.72
CA ILE B 359 19.35 17.55 43.55
C ILE B 359 19.59 16.59 44.71
N VAL B 360 20.82 16.08 44.84
CA VAL B 360 21.17 15.26 46.00
C VAL B 360 21.74 16.13 47.12
N GLU B 361 22.87 16.80 46.88
CA GLU B 361 23.58 17.58 47.87
C GLU B 361 23.56 19.05 47.46
N GLN B 362 23.60 19.92 48.49
CA GLN B 362 23.96 21.33 48.36
C GLN B 362 25.02 21.64 49.40
N THR B 363 26.20 22.09 48.98
CA THR B 363 27.18 22.54 49.96
C THR B 363 27.66 23.95 49.61
N PRO B 364 27.92 24.81 50.61
CA PRO B 364 27.57 24.52 52.01
C PRO B 364 26.08 24.75 52.23
N LYS B 365 25.54 24.26 53.36
CA LYS B 365 24.12 24.46 53.69
C LYS B 365 23.90 25.77 54.48
N LEU B 366 24.58 26.84 54.07
CA LEU B 366 24.51 28.12 54.73
C LEU B 366 23.95 29.17 53.77
N PRO B 367 22.96 29.99 54.15
CA PRO B 367 22.34 29.96 55.48
C PRO B 367 21.47 28.74 55.85
N MET B 368 21.00 27.98 54.86
CA MET B 368 20.11 26.82 55.05
C MET B 368 20.30 25.86 53.86
N ASP B 369 19.83 24.62 53.99
CA ASP B 369 19.74 23.69 52.86
C ASP B 369 18.55 24.13 52.02
N GLY B 370 18.51 23.64 50.77
CA GLY B 370 17.27 23.65 49.98
C GLY B 370 17.02 24.97 49.29
N LEU B 371 18.11 25.65 48.95
CA LEU B 371 18.05 26.94 48.26
C LEU B 371 17.77 26.71 46.77
N PHE B 372 17.97 25.48 46.28
CA PHE B 372 17.81 25.23 44.86
C PHE B 372 16.77 24.14 44.61
N LEU B 373 16.06 24.26 43.49
CA LEU B 373 15.33 23.14 42.95
C LEU B 373 15.79 22.91 41.51
N ILE B 374 15.68 21.67 41.04
CA ILE B 374 15.85 21.40 39.60
C ILE B 374 14.56 20.80 39.07
N GLN B 375 14.05 21.36 37.96
CA GLN B 375 12.87 20.83 37.21
C GLN B 375 13.17 19.39 36.76
N THR B 376 12.32 18.46 37.17
CA THR B 376 12.61 17.04 37.09
C THR B 376 13.03 16.60 35.68
N TYR B 377 12.41 17.17 34.62
CA TYR B 377 12.71 16.69 33.23
C TYR B 377 13.38 17.78 32.39
N ALA B 378 13.04 19.06 32.62
CA ALA B 378 13.67 20.13 31.82
C ALA B 378 15.15 20.33 32.22
N GLY B 379 15.50 20.01 33.47
CA GLY B 379 16.87 20.13 34.00
C GLY B 379 17.26 21.55 34.36
N MET B 380 16.25 22.39 34.60
CA MET B 380 16.41 23.81 34.87
C MET B 380 16.55 24.04 36.38
N LEU B 381 17.55 24.81 36.80
CA LEU B 381 17.74 25.20 38.20
C LEU B 381 17.07 26.56 38.45
N GLN B 382 16.27 26.57 39.52
CA GLN B 382 15.60 27.78 40.00
C GLN B 382 16.02 27.99 41.47
N LEU B 383 15.91 29.22 41.96
CA LEU B 383 16.06 29.48 43.43
C LEU B 383 14.77 29.08 44.15
N ALA B 384 14.90 28.23 45.16
CA ALA B 384 13.73 27.58 45.79
C ALA B 384 13.14 28.42 46.94
N LYS B 385 13.95 29.22 47.66
CA LYS B 385 13.49 29.87 48.94
C LYS B 385 13.71 31.39 49.01
N GLN B 386 14.93 31.86 48.75
CA GLN B 386 15.39 33.18 49.07
C GLN B 386 16.42 33.65 48.03
N SER B 387 16.87 34.89 48.19
CA SER B 387 17.99 35.42 47.43
C SER B 387 19.30 34.87 47.95
N LEU B 388 20.33 34.90 47.11
CA LEU B 388 21.67 34.53 47.50
C LEU B 388 22.42 35.78 47.93
N LYS B 389 23.42 35.57 48.80
CA LYS B 389 24.22 36.67 49.31
C LYS B 389 25.71 36.28 49.34
N LYS B 390 26.52 37.04 48.60
CA LYS B 390 27.94 36.78 48.43
C LYS B 390 28.63 36.81 49.80
N GLN B 391 28.09 37.64 50.69
CA GLN B 391 28.54 37.76 52.08
C GLN B 391 28.47 36.39 52.78
N ASP B 392 27.48 35.55 52.45
CA ASP B 392 27.24 34.36 53.28
C ASP B 392 27.83 33.10 52.60
N THR B 393 27.99 33.08 51.27
CA THR B 393 29.07 32.29 50.61
C THR B 393 29.18 32.80 49.20
N PRO B 394 30.38 32.96 48.62
CA PRO B 394 30.51 33.45 47.24
C PRO B 394 30.16 32.36 46.21
N GLN B 395 29.83 31.15 46.67
CA GLN B 395 29.69 30.03 45.78
C GLN B 395 28.97 28.84 46.44
N TYR B 396 28.06 28.21 45.68
CA TYR B 396 27.39 26.91 46.03
C TYR B 396 27.81 25.78 45.06
N ASN B 397 27.86 24.55 45.59
CA ASN B 397 28.18 23.36 44.86
C ASN B 397 27.06 22.34 45.02
N LEU B 398 26.37 22.05 43.91
CA LEU B 398 25.26 21.12 43.89
C LEU B 398 25.67 19.83 43.18
N THR B 399 25.22 18.69 43.73
CA THR B 399 25.35 17.41 43.15
C THR B 399 23.97 16.98 42.71
N ILE B 400 23.84 16.87 41.37
CA ILE B 400 22.64 16.51 40.63
C ILE B 400 22.73 15.05 40.18
N GLU B 401 21.70 14.27 40.53
CA GLU B 401 21.58 12.86 40.13
C GLU B 401 20.71 12.80 38.87
N VAL B 402 21.39 12.62 37.73
CA VAL B 402 20.79 12.43 36.38
C VAL B 402 20.56 10.94 36.18
N SER B 403 19.31 10.56 36.00
CA SER B 403 19.07 9.16 35.90
C SER B 403 18.11 8.86 34.74
N ASP B 404 18.35 7.75 34.05
CA ASP B 404 17.40 7.18 33.05
C ASP B 404 16.72 5.99 33.70
N LYS B 405 16.14 5.12 32.89
CA LYS B 405 15.27 4.08 33.39
C LYS B 405 16.03 3.16 34.34
N ASP B 406 17.33 2.91 34.11
CA ASP B 406 18.09 1.88 34.82
C ASP B 406 19.34 2.43 35.49
N PHE B 407 19.95 3.48 34.94
CA PHE B 407 21.23 4.01 35.45
C PHE B 407 21.04 5.38 36.12
N LYS B 408 21.94 5.67 37.06
CA LYS B 408 22.05 6.97 37.79
C LYS B 408 23.45 7.53 37.60
N THR B 409 23.58 8.83 37.38
CA THR B 409 24.88 9.46 37.25
C THR B 409 24.88 10.78 38.02
N LEU B 410 26.00 11.08 38.70
CA LEU B 410 26.17 12.33 39.42
C LEU B 410 26.92 13.30 38.50
N CYS B 411 26.31 14.49 38.35
CA CYS B 411 26.86 15.63 37.63
C CYS B 411 26.93 16.82 38.60
N PHE B 412 27.94 17.70 38.43
CA PHE B 412 28.26 18.75 39.46
C PHE B 412 28.02 20.15 38.88
N VAL B 413 27.24 20.94 39.64
CA VAL B 413 26.88 22.28 39.26
C VAL B 413 27.45 23.25 40.32
N GLN B 414 28.01 24.35 39.85
CA GLN B 414 28.65 25.34 40.62
C GLN B 414 27.89 26.64 40.41
N ILE B 415 27.34 27.19 41.52
CA ILE B 415 26.64 28.45 41.48
C ILE B 415 27.57 29.49 42.09
N ASN B 416 27.98 30.45 41.25
CA ASN B 416 28.79 31.58 41.67
C ASN B 416 27.83 32.73 41.98
N VAL B 417 27.89 33.21 43.22
CA VAL B 417 27.11 34.35 43.64
C VAL B 417 27.91 35.62 43.40
N ILE B 418 27.31 36.55 42.62
CA ILE B 418 27.96 37.79 42.20
C ILE B 418 27.09 38.99 42.60
N ASP B 419 27.72 40.16 42.59
CA ASP B 419 27.06 41.45 42.83
C ASP B 419 26.05 41.75 41.71
N GLU B 420 24.97 42.43 42.08
CA GLU B 420 24.14 43.26 41.17
C GLU B 420 25.07 44.23 40.40
N GLN B 421 24.64 44.71 39.23
CA GLN B 421 25.51 45.52 38.34
C GLN B 421 25.06 47.01 38.42
#